data_3WSQ
#
_entry.id   3WSQ
#
_cell.length_a   72.562
_cell.length_b   82.460
_cell.length_c   110.339
_cell.angle_alpha   90.00
_cell.angle_beta   90.91
_cell.angle_gamma   90.00
#
_symmetry.space_group_name_H-M   'P 1 21 1'
#
loop_
_entity.id
_entity.type
_entity.pdbx_description
1 polymer 'Receptor tyrosine-protein kinase erbB-2'
2 polymer 'Antibody Light Chain'
3 polymer 'Antibody Heavy Chain'
#
loop_
_entity_poly.entity_id
_entity_poly.type
_entity_poly.pdbx_seq_one_letter_code
_entity_poly.pdbx_strand_id
1 'polypeptide(L)'
;TQVCTGTDMKLRLPASPETHLDMLRHLYQGCQVVQGNLELTYLPTNASLSFLQDIQEVQGYVLIAHNQVRQVPLQRLRIV
RGTQLFEDNYALAVLDNGDPLNNTTPVTGASPGGLRELQLRSLTEILKGGVLIQRNPQLCYQDTILWKDIFHKNNQLALT
LIDTNRSRACHPCSPMCKGSRCWGESSEDCQSLTRTVCAGGCARCKGPLPTDCCHEQCAAGCTGPKHSDCLACLHFNHSG
ICELHCPALVTYNTDTFESMPNPEGRYTFGASCVTACPYNYLSTDVGSCTLVCPLHNQEVTAEDGTQRCEKCSKPCARVC
YGLGMEHLREVRAVTSANIQEFAGCKKIFGSLAFLPESFDGDPASNTAPLQPEQLQVFETLEEITGYLYISAWPDSLPDL
SVFQNLQVIRGRILHNGAYSLTLQGLGISWLGLRSLRELGSGLALIHHNTHLCFVHTVPWDQLFRNPHQALLHTANRPED
ECVGEGLACHQLCARGHCWGPGPTQCVNCSQFLRGQECVEECRVLQGLPREYVNARHCLPCHPECQPQNGSVTCFGPEAD
QCVA
;
A
2 'polypeptide(L)'
;QSVLTQPPSASGTPGQTVTLSCSGSRTNAGRDPVSWYQQLPGTAPKLLTSTAPQGPSGVPDRFSGSKSGTSSSLAISGLQ
SGDEADYYCTVWDSVPGASVFGSGTFLTVTVAAPSVFIFPPSDEQLKSGTASVVCLLNNFYPREAKVQWKVDNALQSGNS
QESVTEQDSKDSTYSLSSTLTLSKADYEKHKVYACEVTHQGLSSPVTKSFNRGEC
;
L
3 'polypeptide(L)'
;EVQLVQSGGGLKVPGGSVKVSCKASSYTFTSYGISWVRQAPGQGLEWMGDVNTYAGNTNYAQKLQGRVTMTTDTGTSTAY
MELRSLRSDDAAVYYCARDRGYYAFDIWGQGTMVTVSSASTKGPSVFPLAPSSKSTSGGTAALGCLVKDYFPEPVTVSWN
SGALTSGVHTFPAVLQSSGLYSLSSVVTVPSSSLGTQTYICNVNHKPSNTKVDKKVEP
;
H
#
# COMPACT_ATOMS: atom_id res chain seq x y z
N THR A 1 -18.43 11.73 31.07
CA THR A 1 -17.70 10.48 31.25
C THR A 1 -16.22 10.75 31.36
N GLN A 2 -15.65 10.52 32.54
CA GLN A 2 -14.25 10.84 32.78
C GLN A 2 -13.25 10.14 31.87
N VAL A 3 -13.15 8.82 31.99
CA VAL A 3 -12.04 8.08 31.39
C VAL A 3 -12.19 7.64 29.93
N CYS A 4 -11.29 8.09 29.08
CA CYS A 4 -11.24 7.59 27.71
C CYS A 4 -10.00 6.75 27.52
N THR A 5 -9.73 6.38 26.29
CA THR A 5 -8.59 5.51 26.00
C THR A 5 -7.77 6.17 24.91
N GLY A 6 -6.47 5.88 24.88
CA GLY A 6 -5.59 6.58 23.96
C GLY A 6 -5.84 6.21 22.52
N THR A 7 -4.99 6.70 21.62
CA THR A 7 -4.82 6.06 20.35
C THR A 7 -3.47 5.39 20.43
N ASP A 8 -2.91 5.03 19.30
CA ASP A 8 -1.70 4.22 19.28
C ASP A 8 -1.27 4.14 17.82
N MET A 9 -1.44 5.27 17.13
CA MET A 9 -1.22 5.32 15.70
C MET A 9 0.06 6.08 15.38
N LYS A 10 0.76 6.53 16.42
CA LYS A 10 2.06 7.19 16.27
C LYS A 10 2.00 8.38 15.32
N LEU A 11 2.89 8.41 14.34
CA LEU A 11 2.91 9.48 13.34
C LEU A 11 2.37 8.97 12.01
N ARG A 12 1.79 7.79 12.01
CA ARG A 12 1.36 7.18 10.76
C ARG A 12 0.06 7.82 10.30
N LEU A 13 0.03 8.20 9.02
CA LEU A 13 -1.08 8.97 8.47
C LEU A 13 -2.37 8.18 8.53
N PRO A 14 -3.45 8.85 8.94
CA PRO A 14 -4.81 8.30 9.10
C PRO A 14 -5.39 7.76 7.80
N ALA A 15 -5.74 6.47 7.84
CA ALA A 15 -6.29 5.75 6.71
C ALA A 15 -7.35 6.58 6.01
N SER A 16 -8.44 6.88 6.72
CA SER A 16 -9.48 7.76 6.19
C SER A 16 -9.41 9.07 6.94
N PRO A 17 -8.88 10.11 6.28
CA PRO A 17 -8.72 11.48 6.78
C PRO A 17 -10.05 12.18 6.96
N GLU A 18 -10.90 12.10 5.93
CA GLU A 18 -12.22 12.74 5.94
C GLU A 18 -13.02 12.32 7.16
N THR A 19 -12.60 11.23 7.77
CA THR A 19 -13.18 10.77 9.03
C THR A 19 -12.34 11.26 10.21
N HIS A 20 -11.01 11.17 10.07
CA HIS A 20 -10.04 11.31 11.16
C HIS A 20 -10.33 12.31 12.26
N LEU A 21 -10.65 13.55 11.90
CA LEU A 21 -11.02 14.51 12.92
C LEU A 21 -12.20 13.98 13.73
N ASP A 22 -13.21 13.46 13.03
CA ASP A 22 -14.41 13.01 13.71
C ASP A 22 -14.15 11.75 14.51
N MET A 23 -12.97 11.19 14.33
CA MET A 23 -12.56 10.10 15.18
C MET A 23 -12.14 10.66 16.51
N LEU A 24 -11.31 11.71 16.47
CA LEU A 24 -10.75 12.33 17.67
C LEU A 24 -11.88 12.87 18.50
N ARG A 25 -12.79 13.59 17.85
CA ARG A 25 -13.89 14.26 18.54
C ARG A 25 -14.80 13.28 19.25
N HIS A 26 -14.62 11.99 18.99
CA HIS A 26 -15.50 10.99 19.56
C HIS A 26 -14.78 10.33 20.69
N LEU A 27 -13.52 10.09 20.45
CA LEU A 27 -12.67 9.37 21.37
C LEU A 27 -12.71 10.05 22.73
N TYR A 28 -12.45 11.36 22.73
CA TYR A 28 -12.33 12.15 23.95
C TYR A 28 -13.45 13.17 24.30
N GLN A 29 -14.40 13.47 23.41
CA GLN A 29 -15.45 14.44 23.76
C GLN A 29 -16.26 14.04 24.97
N GLY A 30 -15.83 14.56 26.13
CA GLY A 30 -16.44 14.26 27.42
C GLY A 30 -15.34 13.82 28.37
N CYS A 31 -14.14 13.64 27.84
CA CYS A 31 -13.09 12.90 28.54
C CYS A 31 -12.22 13.69 29.50
N GLN A 32 -11.93 13.09 30.64
CA GLN A 32 -11.08 13.68 31.67
C GLN A 32 -9.75 12.95 31.81
N VAL A 33 -9.75 11.76 32.40
CA VAL A 33 -8.56 10.91 32.41
C VAL A 33 -8.41 10.16 31.07
N VAL A 34 -7.18 9.89 30.63
CA VAL A 34 -6.96 9.24 29.35
C VAL A 34 -5.95 8.14 29.48
N GLN A 35 -6.37 6.95 29.90
CA GLN A 35 -5.44 5.84 30.07
C GLN A 35 -4.64 5.57 28.83
N GLY A 36 -3.61 6.37 28.59
CA GLY A 36 -2.71 6.11 27.48
C GLY A 36 -2.58 7.16 26.39
N ASN A 37 -1.60 6.92 25.52
CA ASN A 37 -1.13 7.88 24.53
C ASN A 37 -2.15 8.82 23.85
N LEU A 38 -2.35 10.00 24.44
CA LEU A 38 -3.04 11.10 23.78
C LEU A 38 -2.28 11.47 22.50
N GLU A 39 -2.79 11.06 21.34
CA GLU A 39 -2.14 11.40 20.08
C GLU A 39 -3.02 12.28 19.19
N LEU A 40 -2.51 13.48 18.90
CA LEU A 40 -3.21 14.49 18.09
C LEU A 40 -2.39 14.90 16.88
N THR A 41 -2.48 14.14 15.81
CA THR A 41 -1.64 14.38 14.65
C THR A 41 -2.40 14.82 13.37
N TYR A 42 -1.64 15.32 12.41
CA TYR A 42 -2.13 15.59 11.06
C TYR A 42 -3.28 16.59 10.89
N LEU A 43 -3.88 17.02 12.02
CA LEU A 43 -5.03 17.94 12.02
C LEU A 43 -4.79 19.21 11.22
N PRO A 44 -5.72 19.55 10.31
CA PRO A 44 -5.57 20.80 9.58
C PRO A 44 -6.20 21.89 10.42
N THR A 45 -6.33 23.07 9.83
CA THR A 45 -6.56 24.28 10.60
C THR A 45 -8.02 24.65 10.87
N ASN A 46 -8.93 24.25 10.00
CA ASN A 46 -10.35 24.53 10.21
C ASN A 46 -10.97 23.58 11.26
N ALA A 47 -10.21 23.28 12.30
CA ALA A 47 -10.48 22.10 13.13
C ALA A 47 -10.78 22.37 14.60
N SER A 48 -12.05 22.53 14.96
CA SER A 48 -12.44 22.83 16.33
C SER A 48 -12.08 21.72 17.32
N LEU A 49 -11.05 21.93 18.13
CA LEU A 49 -10.56 20.90 19.03
C LEU A 49 -11.16 20.97 20.42
N SER A 50 -12.38 21.47 20.50
CA SER A 50 -13.01 21.78 21.79
C SER A 50 -13.47 20.58 22.63
N PHE A 51 -12.86 19.42 22.44
CA PHE A 51 -13.28 18.25 23.20
C PHE A 51 -12.18 17.85 24.16
N LEU A 52 -10.94 18.17 23.78
CA LEU A 52 -9.80 17.98 24.66
C LEU A 52 -9.95 18.87 25.90
N GLN A 53 -10.60 20.02 25.69
CA GLN A 53 -10.82 21.06 26.70
C GLN A 53 -11.25 20.59 28.08
N ASP A 54 -11.42 19.28 28.26
CA ASP A 54 -11.92 18.71 29.50
C ASP A 54 -10.86 17.79 30.14
N ILE A 55 -9.95 17.30 29.30
CA ILE A 55 -8.91 16.35 29.69
C ILE A 55 -8.01 16.90 30.78
N GLN A 56 -7.99 16.20 31.92
CA GLN A 56 -6.97 16.43 32.95
C GLN A 56 -5.76 15.54 32.70
N GLU A 57 -5.77 14.39 33.39
CA GLU A 57 -4.74 13.35 33.31
C GLU A 57 -4.49 12.79 31.91
N VAL A 58 -3.31 12.24 31.71
CA VAL A 58 -2.98 11.47 30.51
C VAL A 58 -1.91 10.46 30.91
N GLN A 59 -2.26 9.19 30.99
CA GLN A 59 -1.31 8.22 31.48
C GLN A 59 -0.18 7.95 30.50
N GLY A 60 -0.42 8.19 29.21
CA GLY A 60 0.50 7.70 28.19
C GLY A 60 1.65 8.63 27.96
N TYR A 61 1.92 8.92 26.69
CA TYR A 61 2.71 10.08 26.34
C TYR A 61 1.75 11.10 25.75
N VAL A 62 2.26 12.23 25.30
CA VAL A 62 1.40 13.18 24.60
C VAL A 62 2.07 13.58 23.29
N LEU A 63 1.63 12.99 22.20
CA LEU A 63 2.28 13.21 20.91
C LEU A 63 1.49 14.24 20.11
N ILE A 64 2.21 15.23 19.58
CA ILE A 64 1.59 16.24 18.71
C ILE A 64 2.45 16.48 17.45
N ALA A 65 1.99 16.04 16.30
CA ALA A 65 2.83 16.15 15.13
C ALA A 65 2.08 16.40 13.82
N HIS A 66 2.81 16.91 12.84
CA HIS A 66 2.30 17.21 11.49
C HIS A 66 0.94 17.89 11.39
N ASN A 67 0.46 18.51 12.48
CA ASN A 67 -0.82 19.20 12.46
C ASN A 67 -0.80 20.45 11.62
N GLN A 68 -1.61 21.42 11.95
CA GLN A 68 -1.63 22.67 11.19
C GLN A 68 -2.43 23.72 11.93
N VAL A 69 -3.25 23.27 12.87
CA VAL A 69 -3.96 24.17 13.75
C VAL A 69 -2.92 25.07 14.39
N ARG A 70 -3.26 26.33 14.61
CA ARG A 70 -2.33 27.21 15.29
C ARG A 70 -2.39 26.99 16.79
N GLN A 71 -3.39 26.22 17.22
CA GLN A 71 -3.59 26.01 18.65
C GLN A 71 -4.40 24.75 19.03
N VAL A 72 -3.91 24.02 20.04
CA VAL A 72 -4.61 22.85 20.59
C VAL A 72 -4.94 23.04 22.09
N PRO A 73 -6.23 23.15 22.40
CA PRO A 73 -6.69 23.51 23.74
C PRO A 73 -6.55 22.39 24.76
N LEU A 74 -5.31 22.00 25.09
CA LEU A 74 -5.05 21.02 26.14
C LEU A 74 -4.79 21.74 27.46
N GLN A 75 -5.66 22.68 27.81
CA GLN A 75 -5.38 23.66 28.84
C GLN A 75 -5.55 23.17 30.28
N ARG A 76 -6.27 22.08 30.48
CA ARG A 76 -6.55 21.64 31.84
C ARG A 76 -5.58 20.54 32.24
N LEU A 77 -4.71 20.20 31.28
CA LEU A 77 -3.80 19.05 31.39
C LEU A 77 -2.98 19.11 32.66
N ARG A 78 -3.48 18.47 33.72
CA ARG A 78 -2.73 18.33 34.96
C ARG A 78 -1.42 17.58 34.74
N ILE A 79 -1.49 16.24 34.76
CA ILE A 79 -0.31 15.39 34.90
C ILE A 79 -0.25 14.40 33.76
N VAL A 80 0.94 14.06 33.28
CA VAL A 80 1.13 13.01 32.27
C VAL A 80 2.15 11.97 32.71
N ARG A 81 1.67 10.81 33.10
CA ARG A 81 2.47 9.87 33.86
C ARG A 81 3.50 9.08 33.07
N GLY A 82 3.68 9.41 31.80
CA GLY A 82 4.63 8.73 30.94
C GLY A 82 4.78 7.22 31.10
N THR A 83 3.66 6.55 31.38
CA THR A 83 3.67 5.10 31.61
C THR A 83 4.32 4.42 30.43
N GLN A 84 3.74 4.51 29.24
CA GLN A 84 4.52 4.27 28.03
C GLN A 84 4.90 5.63 27.41
N LEU A 85 6.02 5.65 26.68
CA LEU A 85 6.61 6.91 26.22
C LEU A 85 6.93 6.86 24.74
N PHE A 86 6.83 8.01 24.10
CA PHE A 86 7.05 8.12 22.66
C PHE A 86 8.53 7.97 22.33
N GLU A 87 8.85 6.94 21.54
CA GLU A 87 10.21 6.51 21.26
C GLU A 87 10.93 6.03 22.51
N ASP A 88 10.13 5.71 23.53
CA ASP A 88 10.60 5.18 24.82
C ASP A 88 11.45 6.17 25.59
N ASN A 89 11.21 7.45 25.32
CA ASN A 89 11.93 8.52 25.98
C ASN A 89 10.95 9.56 26.44
N TYR A 90 10.22 10.13 25.48
CA TYR A 90 9.50 11.37 25.65
C TYR A 90 8.05 11.24 26.10
N ALA A 91 7.76 11.67 27.33
CA ALA A 91 6.38 11.67 27.81
C ALA A 91 5.61 12.85 27.23
N LEU A 92 6.26 13.55 26.30
CA LEU A 92 5.60 14.57 25.47
C LEU A 92 6.52 14.85 24.30
N ALA A 93 5.95 14.93 23.11
CA ALA A 93 6.74 15.31 21.95
C ALA A 93 5.88 16.09 20.99
N VAL A 94 6.28 17.33 20.72
CA VAL A 94 5.63 18.15 19.72
C VAL A 94 6.52 18.29 18.49
N LEU A 95 6.16 17.62 17.40
CA LEU A 95 7.00 17.63 16.21
C LEU A 95 6.27 18.18 14.99
N ASP A 96 7.04 18.40 13.92
CA ASP A 96 6.62 19.08 12.68
C ASP A 96 5.19 19.57 12.46
N ASN A 97 4.65 20.35 13.38
CA ASN A 97 3.34 20.97 13.13
C ASN A 97 3.47 22.24 12.32
N GLY A 98 4.59 22.40 11.63
CA GLY A 98 4.81 23.53 10.74
C GLY A 98 4.33 23.17 9.35
N ASP A 99 4.44 24.12 8.43
CA ASP A 99 3.77 24.02 7.13
C ASP A 99 4.55 23.27 6.04
N PRO A 100 3.84 22.48 5.21
CA PRO A 100 4.38 21.70 4.09
C PRO A 100 4.72 22.53 2.86
N LEU A 101 5.71 23.42 2.98
CA LEU A 101 6.20 24.32 1.91
C LEU A 101 5.37 24.43 0.62
N SER A 111 1.12 35.16 10.71
CA SER A 111 0.47 35.05 9.40
C SER A 111 0.19 33.59 8.99
N PRO A 112 1.23 32.72 8.92
CA PRO A 112 0.92 31.38 8.41
C PRO A 112 0.33 30.47 9.48
N GLY A 113 0.06 29.22 9.12
CA GLY A 113 -0.43 28.22 10.04
C GLY A 113 0.71 27.63 10.83
N GLY A 114 0.50 26.49 11.46
CA GLY A 114 1.53 25.89 12.28
C GLY A 114 1.32 26.19 13.76
N LEU A 115 1.58 25.21 14.61
CA LEU A 115 1.33 25.35 16.04
C LEU A 115 2.14 26.50 16.59
N ARG A 116 1.50 27.35 17.38
CA ARG A 116 2.07 28.65 17.77
C ARG A 116 2.43 28.83 19.24
N GLU A 117 1.61 28.29 20.13
CA GLU A 117 1.84 28.39 21.58
C GLU A 117 1.39 27.10 22.27
N LEU A 118 2.16 26.57 23.20
CA LEU A 118 1.74 25.34 23.88
C LEU A 118 0.55 25.54 24.85
N GLN A 119 0.43 26.74 25.40
CA GLN A 119 -0.68 27.10 26.28
C GLN A 119 -1.02 26.05 27.34
N LEU A 120 -0.04 25.22 27.71
CA LEU A 120 -0.26 24.12 28.63
C LEU A 120 -0.41 24.53 30.10
N ARG A 121 -0.87 25.75 30.31
CA ARG A 121 -0.97 26.43 31.61
C ARG A 121 -1.62 25.66 32.77
N SER A 122 -1.28 24.38 32.92
CA SER A 122 -1.81 23.58 34.01
C SER A 122 -0.98 22.33 34.18
N LEU A 123 -0.17 22.04 33.16
CA LEU A 123 0.78 20.94 33.21
C LEU A 123 1.79 21.07 34.37
N THR A 124 1.44 20.53 35.54
CA THR A 124 2.37 20.53 36.67
C THR A 124 3.42 19.43 36.58
N GLU A 125 2.96 18.18 36.47
CA GLU A 125 3.84 17.04 36.64
C GLU A 125 4.01 16.17 35.39
N ILE A 126 5.24 15.69 35.17
CA ILE A 126 5.53 14.73 34.11
C ILE A 126 6.24 13.55 34.77
N LEU A 127 5.42 12.62 35.27
CA LEU A 127 5.84 11.55 36.17
C LEU A 127 7.01 10.70 35.71
N LYS A 128 7.15 10.51 34.42
CA LYS A 128 8.25 9.75 33.87
C LYS A 128 8.56 10.31 32.50
N GLY A 129 9.63 9.84 31.89
CA GLY A 129 10.05 10.29 30.57
C GLY A 129 10.41 11.76 30.37
N GLY A 130 11.11 12.03 29.28
CA GLY A 130 11.59 13.36 28.95
C GLY A 130 10.64 14.24 28.14
N VAL A 131 11.20 15.21 27.42
CA VAL A 131 10.41 16.11 26.57
C VAL A 131 11.15 16.35 25.27
N LEU A 132 10.41 16.45 24.16
CA LEU A 132 11.02 16.56 22.84
C LEU A 132 10.19 17.45 21.93
N ILE A 133 10.61 18.69 21.75
CA ILE A 133 9.78 19.66 21.05
C ILE A 133 10.51 20.27 19.86
N GLN A 134 10.44 19.62 18.70
CA GLN A 134 11.23 20.08 17.57
C GLN A 134 10.44 20.44 16.32
N ARG A 135 11.00 21.38 15.55
CA ARG A 135 10.48 21.76 14.23
C ARG A 135 9.01 22.18 14.21
N ASN A 136 8.69 23.30 14.87
CA ASN A 136 7.33 23.85 14.84
C ASN A 136 7.36 25.36 14.62
N PRO A 137 7.82 25.79 13.44
CA PRO A 137 8.20 27.16 13.07
C PRO A 137 7.18 28.28 13.33
N GLN A 138 6.45 28.21 14.43
CA GLN A 138 5.54 29.29 14.80
C GLN A 138 5.43 29.21 16.30
N LEU A 139 6.11 28.21 16.86
CA LEU A 139 6.00 27.91 18.26
C LEU A 139 6.95 28.78 19.07
N CYS A 140 6.41 29.39 20.14
CA CYS A 140 7.15 30.29 21.02
C CYS A 140 7.11 29.81 22.47
N TYR A 141 7.95 30.43 23.30
CA TYR A 141 8.01 30.19 24.74
C TYR A 141 8.05 28.71 25.18
N GLN A 142 8.64 27.85 24.34
CA GLN A 142 8.74 26.44 24.69
C GLN A 142 10.04 26.13 25.42
N ASP A 143 11.09 26.91 25.13
CA ASP A 143 12.32 26.88 25.91
C ASP A 143 12.03 27.61 27.21
N THR A 144 11.25 28.69 27.07
CA THR A 144 10.92 29.62 28.14
C THR A 144 10.18 28.97 29.30
N ILE A 145 10.20 27.65 29.35
CA ILE A 145 9.61 26.93 30.46
C ILE A 145 10.70 26.29 31.31
N LEU A 146 10.58 26.45 32.63
CA LEU A 146 11.50 25.76 33.54
C LEU A 146 11.08 24.32 33.61
N TRP A 147 11.52 23.57 32.62
CA TRP A 147 11.08 22.19 32.42
C TRP A 147 11.37 21.31 33.63
N LYS A 148 12.30 21.76 34.46
CA LYS A 148 12.76 21.00 35.60
C LYS A 148 11.74 21.00 36.73
N ASP A 149 10.80 21.93 36.70
CA ASP A 149 9.79 21.95 37.76
C ASP A 149 8.69 20.96 37.41
N ILE A 150 8.53 20.70 36.12
CA ILE A 150 7.52 19.78 35.64
C ILE A 150 7.86 18.35 36.02
N PHE A 151 8.99 17.86 35.50
CA PHE A 151 9.50 16.50 35.80
C PHE A 151 9.39 16.12 37.27
N HIS A 152 9.06 14.86 37.54
CA HIS A 152 8.95 14.43 38.92
C HIS A 152 10.33 14.41 39.49
N LYS A 153 10.40 14.39 40.83
CA LYS A 153 11.65 14.34 41.58
C LYS A 153 12.46 13.15 41.14
N ASN A 154 12.07 11.97 41.61
CA ASN A 154 12.66 10.73 41.13
C ASN A 154 12.32 10.47 39.67
N ASN A 155 12.46 11.51 38.83
CA ASN A 155 12.46 11.31 37.40
C ASN A 155 13.92 11.18 36.97
N GLN A 156 14.29 9.95 36.66
CA GLN A 156 15.64 9.63 36.23
C GLN A 156 15.65 9.54 34.70
N LEU A 157 14.55 9.97 34.11
CA LEU A 157 14.45 10.18 32.66
C LEU A 157 14.37 11.68 32.38
N ALA A 158 15.16 12.45 33.10
CA ALA A 158 15.18 13.90 32.96
C ALA A 158 15.98 14.32 31.74
N LEU A 159 15.56 13.87 30.55
CA LEU A 159 16.24 14.27 29.33
C LEU A 159 15.33 15.07 28.40
N THR A 160 15.92 16.01 27.67
CA THR A 160 15.14 16.97 26.92
C THR A 160 15.89 17.41 25.67
N LEU A 161 15.19 17.51 24.56
CA LEU A 161 15.74 18.11 23.36
C LEU A 161 14.70 19.06 22.81
N ILE A 162 15.13 20.27 22.47
CA ILE A 162 14.20 21.33 22.05
C ILE A 162 14.72 22.20 20.89
N ASP A 163 13.89 22.36 19.87
CA ASP A 163 14.21 23.22 18.74
C ASP A 163 13.69 24.59 19.07
N THR A 164 14.45 25.63 18.71
CA THR A 164 14.05 27.01 18.96
C THR A 164 13.90 27.78 17.65
N ASN A 165 14.53 27.27 16.61
CA ASN A 165 14.41 27.79 15.26
C ASN A 165 12.95 28.01 14.89
N ARG A 166 12.60 29.23 14.47
CA ARG A 166 11.31 29.50 13.85
C ARG A 166 11.50 30.50 12.73
N SER A 167 10.46 30.66 11.92
CA SER A 167 10.46 31.68 10.88
C SER A 167 9.75 32.90 11.45
N ARG A 168 9.32 32.79 12.71
CA ARG A 168 8.57 33.86 13.33
C ARG A 168 9.30 34.40 14.54
N ALA A 169 9.19 35.71 14.78
CA ALA A 169 9.81 36.33 15.94
C ALA A 169 8.80 36.44 17.07
N CYS A 170 9.14 35.87 18.22
CA CYS A 170 8.19 35.76 19.31
C CYS A 170 8.01 37.07 20.03
N HIS A 171 6.91 37.19 20.74
CA HIS A 171 6.62 38.38 21.52
C HIS A 171 7.12 38.20 22.95
N PRO A 172 7.22 39.30 23.72
CA PRO A 172 7.54 39.18 25.14
C PRO A 172 6.48 38.39 25.88
N CYS A 173 6.83 37.86 27.05
CA CYS A 173 5.88 37.11 27.84
C CYS A 173 4.81 38.05 28.40
N SER A 174 4.15 37.63 29.47
CA SER A 174 3.21 38.52 30.10
C SER A 174 3.96 39.39 31.09
N PRO A 175 3.54 40.65 31.21
CA PRO A 175 4.02 41.51 32.29
C PRO A 175 3.67 40.81 33.60
N MET A 176 2.42 40.43 33.71
CA MET A 176 1.91 39.73 34.88
C MET A 176 2.61 38.40 35.14
N CYS A 177 3.65 38.10 34.36
CA CYS A 177 4.51 36.95 34.61
C CYS A 177 5.72 37.38 35.43
N LYS A 178 5.94 36.66 36.53
CA LYS A 178 7.10 36.83 37.38
C LYS A 178 8.35 36.71 36.53
N GLY A 179 8.83 35.49 36.31
CA GLY A 179 9.97 35.28 35.44
C GLY A 179 9.59 35.60 34.00
N SER A 180 10.48 35.32 33.06
CA SER A 180 10.10 35.47 31.66
C SER A 180 9.29 34.23 31.30
N ARG A 181 9.26 33.28 32.24
CA ARG A 181 8.55 32.00 32.09
C ARG A 181 7.07 32.08 31.72
N CYS A 182 6.68 31.47 30.61
CA CYS A 182 5.29 31.41 30.23
C CYS A 182 4.99 30.33 29.20
N TRP A 183 3.75 29.84 29.24
CA TRP A 183 3.24 28.92 28.24
C TRP A 183 2.72 29.70 27.06
N GLY A 184 2.08 30.83 27.36
CA GLY A 184 1.55 31.70 26.34
C GLY A 184 1.68 33.17 26.69
N GLU A 185 1.44 34.01 25.69
CA GLU A 185 1.64 35.45 25.81
C GLU A 185 0.75 36.07 26.87
N SER A 186 -0.38 35.43 27.14
CA SER A 186 -1.30 35.92 28.16
C SER A 186 -0.77 35.72 29.55
N SER A 187 -1.55 36.22 30.51
CA SER A 187 -1.14 36.32 31.90
C SER A 187 -1.60 35.13 32.73
N GLU A 188 -2.63 34.44 32.24
CA GLU A 188 -3.09 33.22 32.88
C GLU A 188 -2.23 32.09 32.31
N ASP A 189 -1.63 32.36 31.16
CA ASP A 189 -0.76 31.42 30.48
C ASP A 189 0.62 31.36 31.13
N CYS A 190 0.71 31.79 32.38
CA CYS A 190 1.99 31.92 33.06
C CYS A 190 2.40 30.62 33.73
N GLN A 191 3.65 30.19 33.55
CA GLN A 191 4.13 29.00 34.24
C GLN A 191 4.03 29.19 35.73
N SER A 192 3.28 28.32 36.38
CA SER A 192 3.12 28.37 37.82
C SER A 192 3.90 27.23 38.47
N LEU A 193 5.04 27.56 39.08
CA LEU A 193 5.97 26.55 39.59
C LEU A 193 5.53 25.90 40.91
N THR A 194 6.07 24.71 41.18
CA THR A 194 5.57 23.88 42.25
C THR A 194 6.59 22.85 42.79
N ARG A 195 7.75 22.74 42.14
CA ARG A 195 8.81 21.94 42.74
C ARG A 195 10.04 22.71 43.23
N THR A 196 10.71 23.46 42.36
CA THR A 196 11.90 24.20 42.78
C THR A 196 11.57 25.27 43.82
N VAL A 197 10.65 26.15 43.47
CA VAL A 197 10.16 27.16 44.41
C VAL A 197 9.31 26.49 45.52
N CYS A 198 9.93 25.62 46.29
CA CYS A 198 9.22 24.94 47.36
C CYS A 198 10.14 24.62 48.54
N ALA A 199 9.52 24.23 49.66
CA ALA A 199 10.12 24.37 50.98
C ALA A 199 10.74 23.15 51.65
N GLY A 200 11.94 22.76 51.23
CA GLY A 200 12.66 21.69 51.90
C GLY A 200 12.67 20.37 51.13
N GLY A 201 12.37 19.27 51.83
CA GLY A 201 12.23 17.99 51.18
C GLY A 201 11.15 18.08 50.10
N CYS A 202 10.07 18.77 50.45
CA CYS A 202 8.90 19.06 49.61
C CYS A 202 8.99 18.77 48.12
N ALA A 203 8.38 17.65 47.74
CA ALA A 203 8.19 17.30 46.34
C ALA A 203 7.31 18.36 45.69
N ARG A 204 6.07 18.45 46.18
CA ARG A 204 5.11 19.41 45.63
C ARG A 204 4.51 20.36 46.68
N CYS A 205 4.44 21.65 46.33
CA CYS A 205 3.86 22.65 47.23
C CYS A 205 3.21 23.83 46.51
N LYS A 206 2.39 24.57 47.27
CA LYS A 206 1.57 25.65 46.73
C LYS A 206 2.13 27.02 47.11
N GLY A 207 3.39 27.05 47.49
CA GLY A 207 4.02 28.29 47.92
C GLY A 207 5.24 28.05 48.77
N PRO A 208 6.13 29.04 48.81
CA PRO A 208 7.43 29.04 49.49
C PRO A 208 7.33 28.59 50.94
N LEU A 209 6.17 28.85 51.54
CA LEU A 209 5.90 28.54 52.94
C LEU A 209 5.96 27.03 53.14
N PRO A 210 6.10 26.57 54.40
CA PRO A 210 6.08 25.13 54.62
C PRO A 210 4.64 24.64 54.56
N THR A 211 3.78 25.22 55.39
CA THR A 211 2.36 24.89 55.42
C THR A 211 1.74 24.76 54.03
N ASP A 212 2.39 25.35 53.05
CA ASP A 212 1.99 25.23 51.66
C ASP A 212 2.32 23.88 51.02
N CYS A 213 3.00 23.02 51.76
CA CYS A 213 3.41 21.71 51.24
C CYS A 213 2.21 20.83 50.93
N CYS A 214 2.33 20.08 49.84
CA CYS A 214 1.31 19.11 49.48
C CYS A 214 1.58 17.79 50.18
N HIS A 215 0.57 16.94 50.20
CA HIS A 215 0.72 15.58 50.71
C HIS A 215 1.81 14.85 49.91
N GLU A 216 2.25 13.70 50.40
CA GLU A 216 3.22 12.91 49.67
C GLU A 216 2.48 12.06 48.65
N GLN A 217 1.27 11.63 49.02
CA GLN A 217 0.43 10.81 48.17
C GLN A 217 -0.16 11.66 47.07
N CYS A 218 -0.32 12.94 47.39
CA CYS A 218 -0.75 13.96 46.45
C CYS A 218 0.39 14.12 45.47
N ALA A 219 0.11 14.65 44.27
CA ALA A 219 1.15 14.71 43.24
C ALA A 219 0.82 15.53 42.01
N ALA A 220 0.81 16.85 42.16
CA ALA A 220 0.91 17.86 41.08
C ALA A 220 0.57 19.22 41.63
N GLY A 221 0.77 19.36 42.94
CA GLY A 221 0.43 20.56 43.66
C GLY A 221 -0.80 20.24 44.48
N CYS A 222 -1.27 21.23 45.24
CA CYS A 222 -2.55 21.09 45.94
C CYS A 222 -3.26 22.41 46.08
N THR A 223 -4.25 22.40 46.95
CA THR A 223 -4.92 23.61 47.39
C THR A 223 -5.00 23.44 48.89
N GLY A 224 -4.16 22.54 49.40
CA GLY A 224 -4.10 22.26 50.81
C GLY A 224 -3.11 21.19 51.24
N PRO A 225 -2.99 20.99 52.56
CA PRO A 225 -2.06 20.08 53.25
C PRO A 225 -2.50 18.60 53.24
N LYS A 226 -3.73 18.33 52.83
CA LYS A 226 -4.31 16.99 52.90
C LYS A 226 -4.20 16.24 51.59
N HIS A 227 -4.43 14.92 51.65
CA HIS A 227 -4.54 14.10 50.45
C HIS A 227 -5.86 14.40 49.78
N SER A 228 -6.81 14.85 50.58
CA SER A 228 -8.14 15.23 50.10
C SER A 228 -8.17 16.71 49.78
N ASP A 229 -7.03 17.20 49.30
CA ASP A 229 -6.85 18.61 48.93
C ASP A 229 -5.94 18.64 47.73
N CYS A 230 -5.80 17.49 47.07
CA CYS A 230 -4.77 17.27 46.05
C CYS A 230 -5.15 17.60 44.59
N LEU A 231 -4.18 18.07 43.84
CA LEU A 231 -4.39 18.36 42.42
C LEU A 231 -4.21 17.13 41.55
N ALA A 232 -3.68 16.05 42.11
CA ALA A 232 -3.48 14.79 41.39
C ALA A 232 -3.06 13.69 42.36
N CYS A 233 -2.87 12.49 41.84
CA CYS A 233 -2.44 11.38 42.68
C CYS A 233 -1.20 10.66 42.19
N LEU A 234 -0.35 10.29 43.14
CA LEU A 234 0.88 9.58 42.85
C LEU A 234 0.60 8.10 42.66
N HIS A 235 -0.44 7.60 43.32
CA HIS A 235 -0.79 6.20 43.11
C HIS A 235 -2.24 5.88 42.73
N PHE A 236 -3.23 6.13 43.60
CA PHE A 236 -4.63 5.83 43.23
C PHE A 236 -5.69 6.76 43.83
N ASN A 237 -6.49 7.45 43.00
CA ASN A 237 -7.53 8.36 43.51
C ASN A 237 -8.59 7.64 44.36
N HIS A 238 -8.24 7.15 45.53
CA HIS A 238 -9.26 6.41 46.29
C HIS A 238 -10.47 7.24 46.69
N SER A 239 -11.35 7.46 45.72
CA SER A 239 -12.63 8.13 45.95
C SER A 239 -12.45 9.51 46.55
N GLY A 240 -11.35 10.15 46.19
CA GLY A 240 -11.08 11.53 46.56
C GLY A 240 -9.85 11.75 47.42
N ILE A 241 -9.15 10.67 47.73
CA ILE A 241 -8.14 10.66 48.77
C ILE A 241 -6.79 10.04 48.29
N CYS A 242 -6.26 10.60 47.21
CA CYS A 242 -5.05 10.12 46.52
C CYS A 242 -4.17 9.25 47.40
N GLU A 243 -4.22 7.95 47.19
CA GLU A 243 -3.60 6.99 48.10
C GLU A 243 -2.40 6.27 47.51
N LEU A 244 -1.88 5.33 48.27
CA LEU A 244 -0.76 4.52 47.83
C LEU A 244 -1.29 3.22 47.29
N HIS A 245 -2.29 2.69 47.99
CA HIS A 245 -2.86 1.38 47.72
C HIS A 245 -4.35 1.38 48.00
N CYS A 246 -5.14 1.06 46.97
CA CYS A 246 -6.57 0.86 47.15
C CYS A 246 -6.71 -0.29 48.11
N PRO A 247 -7.64 -0.18 49.05
CA PRO A 247 -7.76 -1.27 50.03
C PRO A 247 -8.05 -2.58 49.31
N ALA A 248 -7.17 -3.57 49.48
CA ALA A 248 -7.39 -4.88 48.91
C ALA A 248 -8.68 -5.55 49.41
N LEU A 249 -9.08 -6.63 48.75
CA LEU A 249 -10.40 -7.22 48.93
C LEU A 249 -10.54 -8.08 50.19
N VAL A 250 -9.42 -8.28 50.90
CA VAL A 250 -9.43 -9.17 52.05
C VAL A 250 -8.34 -8.84 53.08
N THR A 251 -8.71 -8.86 54.36
CA THR A 251 -7.83 -8.43 55.45
C THR A 251 -7.42 -9.61 56.33
N TYR A 252 -6.26 -9.49 56.97
CA TYR A 252 -5.69 -10.59 57.73
C TYR A 252 -5.67 -10.33 59.24
N ASN A 253 -5.99 -11.35 60.02
CA ASN A 253 -6.07 -11.24 61.48
C ASN A 253 -4.71 -10.97 62.16
N THR A 254 -3.64 -11.01 61.36
CA THR A 254 -2.25 -10.86 61.84
C THR A 254 -1.79 -12.06 62.70
N ASP A 255 -2.74 -12.66 63.43
CA ASP A 255 -2.45 -13.83 64.25
C ASP A 255 -2.75 -15.13 63.51
N THR A 256 -4.02 -15.55 63.50
CA THR A 256 -4.41 -16.79 62.83
C THR A 256 -4.17 -16.70 61.33
N PHE A 257 -5.13 -16.09 60.61
CA PHE A 257 -5.05 -15.61 59.22
C PHE A 257 -6.19 -15.96 58.27
N GLU A 258 -7.32 -16.42 58.81
CA GLU A 258 -8.51 -16.57 58.00
C GLU A 258 -8.92 -15.17 57.52
N SER A 259 -9.24 -15.05 56.24
CA SER A 259 -9.63 -13.77 55.71
C SER A 259 -10.98 -13.81 55.00
N MET A 260 -12.04 -13.52 55.76
CA MET A 260 -13.34 -13.27 55.19
C MET A 260 -13.22 -11.93 54.46
N PRO A 261 -13.98 -11.76 53.36
CA PRO A 261 -13.84 -10.57 52.50
C PRO A 261 -13.93 -9.24 53.23
N ASN A 262 -13.23 -8.23 52.72
CA ASN A 262 -13.26 -6.88 53.27
C ASN A 262 -14.16 -5.96 52.45
N PRO A 263 -15.40 -5.73 52.92
CA PRO A 263 -16.46 -4.97 52.23
C PRO A 263 -16.00 -3.63 51.64
N GLU A 264 -15.16 -2.89 52.35
CA GLU A 264 -14.68 -1.61 51.86
C GLU A 264 -13.34 -1.70 51.13
N GLY A 265 -13.14 -2.81 50.41
CA GLY A 265 -12.00 -2.97 49.53
C GLY A 265 -12.35 -2.51 48.13
N ARG A 266 -11.34 -2.21 47.32
CA ARG A 266 -11.58 -1.66 45.99
C ARG A 266 -10.78 -2.35 44.89
N TYR A 267 -10.98 -1.87 43.66
CA TYR A 267 -10.33 -2.44 42.48
C TYR A 267 -9.48 -1.40 41.77
N THR A 268 -8.19 -1.67 41.64
CA THR A 268 -7.32 -0.79 40.88
C THR A 268 -7.68 -0.78 39.41
N PHE A 269 -8.39 0.27 39.01
CA PHE A 269 -8.61 0.57 37.61
C PHE A 269 -7.55 1.57 37.21
N GLY A 270 -6.63 1.15 36.35
CA GLY A 270 -5.51 1.97 35.89
C GLY A 270 -4.86 2.87 36.94
N ALA A 271 -5.53 4.00 37.20
CA ALA A 271 -5.00 4.96 38.15
C ALA A 271 -6.04 5.20 39.22
N SER A 272 -7.11 4.40 39.21
CA SER A 272 -8.25 4.64 40.08
C SER A 272 -8.44 3.67 41.24
N CYS A 273 -9.55 3.82 41.96
CA CYS A 273 -9.86 2.92 43.06
C CYS A 273 -11.36 2.72 43.10
N VAL A 274 -11.82 1.69 42.38
CA VAL A 274 -13.24 1.50 42.11
C VAL A 274 -13.74 0.20 42.75
N THR A 275 -15.07 0.05 42.84
CA THR A 275 -15.69 -1.11 43.49
C THR A 275 -16.05 -2.19 42.49
N ALA A 276 -16.18 -1.76 41.24
CA ALA A 276 -16.69 -2.61 40.18
C ALA A 276 -16.00 -2.26 38.87
N CYS A 277 -15.08 -3.11 38.44
CA CYS A 277 -14.38 -2.89 37.19
C CYS A 277 -15.39 -2.71 36.06
N PRO A 278 -15.20 -1.66 35.24
CA PRO A 278 -16.12 -1.20 34.19
C PRO A 278 -16.23 -2.14 32.98
N TYR A 279 -17.05 -1.74 32.01
CA TYR A 279 -17.64 -2.68 31.05
C TYR A 279 -16.76 -3.81 30.51
N ASN A 280 -15.95 -3.54 29.49
CA ASN A 280 -15.15 -4.59 28.88
C ASN A 280 -14.07 -5.19 29.77
N TYR A 281 -14.01 -4.77 31.04
CA TYR A 281 -12.86 -5.08 31.88
C TYR A 281 -13.01 -6.28 32.79
N LEU A 282 -11.92 -7.03 32.91
CA LEU A 282 -11.89 -8.27 33.66
C LEU A 282 -11.55 -8.04 35.11
N SER A 283 -12.56 -8.06 35.97
CA SER A 283 -12.27 -8.04 37.40
C SER A 283 -11.49 -9.32 37.74
N THR A 284 -10.71 -9.28 38.81
CA THR A 284 -9.75 -10.34 39.11
C THR A 284 -9.95 -10.90 40.53
N ASP A 285 -9.31 -12.02 40.82
CA ASP A 285 -9.23 -12.52 42.17
C ASP A 285 -8.33 -11.59 42.97
N VAL A 286 -7.18 -11.28 42.38
CA VAL A 286 -6.09 -10.57 43.05
C VAL A 286 -6.33 -9.05 43.13
N GLY A 287 -7.46 -8.61 42.58
CA GLY A 287 -7.95 -7.26 42.82
C GLY A 287 -7.74 -6.23 41.73
N SER A 288 -7.36 -6.67 40.53
CA SER A 288 -7.13 -5.73 39.42
C SER A 288 -8.29 -5.67 38.42
N CYS A 289 -8.15 -4.84 37.39
CA CYS A 289 -9.03 -4.85 36.22
C CYS A 289 -8.16 -4.95 34.97
N THR A 290 -8.44 -5.88 34.07
CA THR A 290 -7.56 -6.02 32.94
C THR A 290 -8.29 -6.27 31.64
N LEU A 291 -7.50 -6.58 30.62
CA LEU A 291 -7.96 -7.12 29.34
C LEU A 291 -7.03 -8.27 28.93
N VAL A 292 -6.64 -9.06 29.92
CA VAL A 292 -5.85 -10.26 29.79
C VAL A 292 -5.85 -10.78 31.22
N CYS A 293 -6.31 -12.00 31.44
CA CYS A 293 -6.30 -12.51 32.79
C CYS A 293 -4.86 -12.89 33.20
N PRO A 294 -4.54 -12.82 34.50
CA PRO A 294 -3.17 -13.21 34.89
C PRO A 294 -2.97 -14.68 34.58
N LEU A 295 -1.72 -15.12 34.53
CA LEU A 295 -1.41 -16.49 34.12
C LEU A 295 -2.13 -17.55 34.96
N HIS A 296 -2.39 -18.70 34.35
CA HIS A 296 -3.13 -19.79 34.99
C HIS A 296 -4.51 -19.33 35.44
N ASN A 297 -5.12 -18.49 34.63
CA ASN A 297 -6.52 -18.11 34.82
C ASN A 297 -7.40 -18.38 33.59
N GLN A 298 -8.66 -18.69 33.85
CA GLN A 298 -9.62 -18.80 32.79
C GLN A 298 -10.43 -17.56 32.88
N GLU A 299 -11.02 -17.16 31.76
CA GLU A 299 -11.97 -16.04 31.75
C GLU A 299 -13.41 -16.53 31.81
N VAL A 300 -13.97 -16.56 33.02
CA VAL A 300 -15.30 -17.12 33.21
C VAL A 300 -16.36 -16.10 32.82
N THR A 301 -17.63 -16.45 32.94
CA THR A 301 -18.71 -15.51 32.63
C THR A 301 -19.68 -15.32 33.80
N ALA A 302 -19.17 -15.61 35.01
CA ALA A 302 -19.69 -15.22 36.34
C ALA A 302 -21.20 -15.28 36.69
N GLU A 303 -21.47 -15.40 37.99
CA GLU A 303 -22.84 -15.57 38.51
C GLU A 303 -23.69 -14.30 38.42
N ASP A 304 -23.18 -13.29 37.73
CA ASP A 304 -23.95 -12.07 37.48
C ASP A 304 -24.01 -11.82 35.97
N GLY A 305 -23.20 -10.88 35.50
CA GLY A 305 -23.05 -10.63 34.08
C GLY A 305 -21.59 -10.40 33.73
N THR A 306 -20.77 -10.27 34.78
CA THR A 306 -19.37 -9.90 34.64
C THR A 306 -18.55 -10.89 33.82
N GLN A 307 -17.47 -10.39 33.22
CA GLN A 307 -16.34 -11.21 32.86
C GLN A 307 -15.52 -11.21 34.14
N ARG A 308 -14.70 -12.24 34.33
CA ARG A 308 -13.96 -12.39 35.58
C ARG A 308 -12.80 -13.34 35.36
N CYS A 309 -11.76 -13.25 36.17
CA CYS A 309 -10.59 -14.07 35.95
C CYS A 309 -10.22 -14.94 37.14
N GLU A 310 -10.69 -16.19 37.09
CA GLU A 310 -10.48 -17.16 38.15
C GLU A 310 -9.47 -18.24 37.76
N LYS A 311 -9.10 -19.06 38.74
CA LYS A 311 -8.01 -20.02 38.66
C LYS A 311 -8.19 -21.17 37.66
N CYS A 312 -7.29 -22.15 37.75
CA CYS A 312 -7.33 -23.31 36.85
C CYS A 312 -6.96 -24.61 37.57
N SER A 313 -7.96 -25.27 38.15
CA SER A 313 -7.78 -26.56 38.82
C SER A 313 -7.11 -27.56 37.90
N LYS A 314 -7.83 -27.97 36.86
CA LYS A 314 -7.25 -28.76 35.78
C LYS A 314 -6.27 -27.88 35.05
N PRO A 315 -5.17 -28.46 34.53
CA PRO A 315 -4.45 -27.72 33.51
C PRO A 315 -5.46 -27.24 32.48
N CYS A 316 -5.63 -25.91 32.45
CA CYS A 316 -6.70 -25.23 31.75
C CYS A 316 -6.91 -25.73 30.33
N ALA A 317 -8.16 -25.71 29.90
CA ALA A 317 -8.53 -26.22 28.59
C ALA A 317 -8.08 -25.28 27.47
N ARG A 318 -7.78 -25.88 26.31
CA ARG A 318 -7.11 -25.21 25.21
C ARG A 318 -7.95 -24.05 24.74
N VAL A 319 -7.30 -23.08 24.11
CA VAL A 319 -7.85 -21.74 23.94
C VAL A 319 -7.29 -21.11 22.66
N CYS A 320 -8.11 -20.38 21.93
CA CYS A 320 -7.67 -19.91 20.62
C CYS A 320 -6.99 -18.55 20.71
N TYR A 321 -5.99 -18.30 19.87
CA TYR A 321 -5.29 -17.02 19.92
C TYR A 321 -5.25 -16.28 18.59
N GLY A 322 -5.40 -14.96 18.64
CA GLY A 322 -5.35 -14.11 17.46
C GLY A 322 -4.10 -13.25 17.35
N LEU A 323 -4.08 -12.40 16.34
CA LEU A 323 -2.93 -11.54 16.11
C LEU A 323 -2.71 -10.53 17.26
N GLY A 324 -1.47 -10.42 17.71
CA GLY A 324 -1.18 -9.59 18.86
C GLY A 324 -1.41 -10.40 20.13
N MET A 325 -1.34 -11.71 20.00
CA MET A 325 -1.37 -12.58 21.17
C MET A 325 -0.48 -13.81 21.03
N GLU A 326 0.41 -14.00 21.99
CA GLU A 326 1.31 -15.14 22.03
C GLU A 326 2.06 -15.34 20.73
N HIS A 327 2.34 -16.59 20.39
CA HIS A 327 3.03 -16.96 19.15
C HIS A 327 2.59 -16.14 17.94
N LEU A 328 1.35 -15.66 18.00
CA LEU A 328 0.81 -14.77 16.98
C LEU A 328 1.06 -13.29 17.27
N ARG A 329 1.68 -12.98 18.41
CA ARG A 329 1.79 -11.59 18.85
C ARG A 329 2.33 -10.64 17.82
N GLU A 330 3.42 -11.03 17.18
CA GLU A 330 4.07 -10.13 16.23
C GLU A 330 3.59 -10.38 14.81
N VAL A 331 2.79 -11.42 14.64
CA VAL A 331 2.11 -11.64 13.36
C VAL A 331 1.11 -10.50 13.14
N ARG A 332 0.92 -10.07 11.89
CA ARG A 332 0.00 -8.97 11.66
C ARG A 332 -1.29 -9.34 10.88
N ALA A 333 -1.15 -10.18 9.84
CA ALA A 333 -2.27 -10.54 8.98
C ALA A 333 -2.55 -12.04 9.06
N VAL A 334 -3.71 -12.46 8.56
CA VAL A 334 -3.98 -13.88 8.41
C VAL A 334 -3.53 -14.31 7.03
N THR A 335 -2.77 -15.39 6.97
CA THR A 335 -2.33 -15.96 5.70
C THR A 335 -2.63 -17.44 5.68
N SER A 336 -2.39 -18.05 4.52
CA SER A 336 -2.59 -19.48 4.32
C SER A 336 -1.83 -20.28 5.35
N ALA A 337 -0.72 -19.73 5.83
CA ALA A 337 0.21 -20.47 6.70
C ALA A 337 -0.08 -20.30 8.19
N ASN A 338 -1.20 -19.66 8.50
CA ASN A 338 -1.67 -19.59 9.88
C ASN A 338 -3.18 -19.73 9.99
N ILE A 339 -3.87 -19.74 8.84
CA ILE A 339 -5.33 -19.68 8.83
C ILE A 339 -5.94 -20.90 9.49
N GLN A 340 -5.26 -22.03 9.36
CA GLN A 340 -5.77 -23.28 9.93
C GLN A 340 -5.80 -23.34 11.46
N GLU A 341 -4.95 -22.57 12.13
CA GLU A 341 -4.94 -22.52 13.59
C GLU A 341 -6.34 -22.20 14.11
N PHE A 342 -7.12 -21.51 13.28
CA PHE A 342 -8.38 -20.93 13.73
C PHE A 342 -9.58 -21.86 13.59
N ALA A 343 -9.33 -23.05 13.05
CA ALA A 343 -10.38 -24.06 12.87
C ALA A 343 -10.84 -24.61 14.20
N GLY A 344 -12.15 -24.60 14.42
CA GLY A 344 -12.70 -25.13 15.65
C GLY A 344 -12.89 -24.06 16.69
N CYS A 345 -12.31 -22.88 16.44
CA CYS A 345 -12.23 -21.82 17.43
C CYS A 345 -13.60 -21.22 17.66
N LYS A 346 -14.05 -21.23 18.90
CA LYS A 346 -15.37 -20.65 19.22
C LYS A 346 -15.26 -19.21 19.74
N LYS A 347 -14.03 -18.80 20.09
CA LYS A 347 -13.76 -17.51 20.71
C LYS A 347 -12.28 -17.23 20.58
N ILE A 348 -11.92 -16.26 19.73
CA ILE A 348 -10.50 -15.99 19.49
C ILE A 348 -9.98 -14.89 20.39
N PHE A 349 -9.01 -15.23 21.23
CA PHE A 349 -8.29 -14.30 22.08
C PHE A 349 -7.24 -13.62 21.23
N GLY A 350 -7.39 -12.33 21.04
CA GLY A 350 -6.53 -11.63 20.10
C GLY A 350 -7.40 -10.99 19.05
N SER A 351 -6.86 -10.86 17.85
CA SER A 351 -7.59 -10.21 16.77
C SER A 351 -7.26 -10.84 15.45
N LEU A 352 -8.13 -10.61 14.48
CA LEU A 352 -7.89 -11.04 13.12
C LEU A 352 -7.80 -9.82 12.23
N ALA A 353 -6.95 -9.86 11.22
CA ALA A 353 -6.92 -8.76 10.29
C ALA A 353 -6.59 -9.30 8.93
N PHE A 354 -7.17 -8.74 7.87
CA PHE A 354 -6.94 -9.24 6.54
C PHE A 354 -6.49 -8.11 5.68
N LEU A 355 -5.19 -8.10 5.40
CA LEU A 355 -4.56 -7.03 4.65
C LEU A 355 -4.38 -7.59 3.24
N PRO A 356 -3.95 -6.76 2.25
CA PRO A 356 -4.02 -7.31 0.91
C PRO A 356 -2.93 -8.32 0.69
N GLU A 357 -2.03 -8.46 1.64
CA GLU A 357 -1.01 -9.50 1.55
C GLU A 357 -1.52 -10.82 2.14
N SER A 358 -2.67 -10.76 2.80
CA SER A 358 -3.37 -11.97 3.17
C SER A 358 -3.69 -12.74 1.90
N PHE A 359 -4.02 -11.99 0.84
CA PHE A 359 -4.56 -12.55 -0.39
C PHE A 359 -3.64 -12.65 -1.60
N ASP A 360 -2.44 -12.08 -1.52
CA ASP A 360 -1.35 -12.60 -2.34
C ASP A 360 -0.13 -12.88 -1.49
N GLY A 361 0.12 -14.16 -1.23
CA GLY A 361 1.08 -14.58 -0.23
C GLY A 361 2.50 -14.10 -0.47
N ASP A 362 3.39 -14.51 0.41
CA ASP A 362 4.79 -14.15 0.30
C ASP A 362 5.50 -15.15 -0.59
N PRO A 363 5.69 -14.78 -1.87
CA PRO A 363 6.36 -15.72 -2.78
C PRO A 363 7.82 -15.80 -2.39
N ALA A 364 8.29 -14.77 -1.68
CA ALA A 364 9.60 -14.77 -1.08
C ALA A 364 9.70 -15.92 -0.09
N SER A 365 8.56 -16.35 0.42
CA SER A 365 8.54 -17.44 1.38
C SER A 365 7.56 -18.55 1.00
N ASN A 366 7.36 -18.75 -0.30
CA ASN A 366 6.44 -19.78 -0.83
C ASN A 366 5.16 -19.93 -0.02
N THR A 367 4.66 -18.82 0.51
CA THR A 367 3.44 -18.80 1.28
C THR A 367 2.27 -18.55 0.31
N ALA A 368 1.43 -19.56 0.12
CA ALA A 368 0.35 -19.50 -0.85
C ALA A 368 -0.64 -18.40 -0.53
N PRO A 369 -1.27 -17.79 -1.56
CA PRO A 369 -2.34 -16.84 -1.28
C PRO A 369 -3.56 -17.52 -0.67
N LEU A 370 -4.26 -16.77 0.17
CA LEU A 370 -5.42 -17.28 0.91
C LEU A 370 -6.59 -17.44 -0.04
N GLN A 371 -7.12 -18.65 -0.09
CA GLN A 371 -8.26 -18.97 -0.95
C GLN A 371 -9.59 -18.88 -0.19
N PRO A 372 -10.59 -18.26 -0.83
CA PRO A 372 -11.91 -17.92 -0.27
C PRO A 372 -12.71 -19.12 0.29
N GLU A 373 -12.19 -20.32 0.10
CA GLU A 373 -12.83 -21.48 0.69
C GLU A 373 -12.23 -21.71 2.08
N GLN A 374 -11.04 -21.16 2.29
CA GLN A 374 -10.36 -21.36 3.54
C GLN A 374 -11.10 -20.62 4.64
N LEU A 375 -11.56 -19.41 4.35
CA LEU A 375 -12.22 -18.59 5.35
C LEU A 375 -13.33 -19.38 6.01
N GLN A 376 -13.94 -20.30 5.27
CA GLN A 376 -15.01 -21.12 5.83
C GLN A 376 -14.55 -21.94 7.03
N VAL A 377 -13.66 -21.36 7.83
CA VAL A 377 -13.29 -21.89 9.13
C VAL A 377 -14.06 -21.11 10.17
N PHE A 378 -14.19 -19.82 9.92
CA PHE A 378 -14.62 -18.85 10.94
C PHE A 378 -16.10 -18.93 11.26
N GLU A 379 -16.83 -19.73 10.50
CA GLU A 379 -18.25 -19.86 10.75
C GLU A 379 -18.48 -20.54 12.10
N THR A 380 -17.41 -21.14 12.63
CA THR A 380 -17.42 -21.76 13.94
C THR A 380 -17.13 -20.71 15.03
N LEU A 381 -16.62 -19.54 14.63
CA LEU A 381 -16.26 -18.48 15.58
C LEU A 381 -17.40 -17.55 16.04
N GLU A 382 -17.48 -17.32 17.35
CA GLU A 382 -18.54 -16.48 17.89
C GLU A 382 -18.08 -15.14 18.45
N GLU A 383 -16.97 -15.12 19.22
CA GLU A 383 -16.58 -13.93 19.99
C GLU A 383 -15.11 -13.54 19.84
N ILE A 384 -14.83 -12.42 19.20
CA ILE A 384 -13.47 -11.91 19.11
C ILE A 384 -13.20 -10.95 20.26
N THR A 385 -12.12 -11.17 21.00
CA THR A 385 -11.83 -10.33 22.15
C THR A 385 -10.98 -9.17 21.72
N GLY A 386 -10.63 -9.12 20.45
CA GLY A 386 -9.80 -8.03 19.97
C GLY A 386 -10.41 -7.17 18.89
N TYR A 387 -9.64 -6.83 17.87
CA TYR A 387 -10.17 -6.08 16.76
C TYR A 387 -10.44 -6.93 15.52
N LEU A 388 -11.08 -6.32 14.53
CA LEU A 388 -11.29 -6.96 13.25
C LEU A 388 -10.97 -5.90 12.22
N TYR A 389 -10.11 -6.22 11.27
CA TYR A 389 -9.64 -5.23 10.30
C TYR A 389 -9.58 -5.85 8.91
N ILE A 390 -10.33 -5.31 7.97
CA ILE A 390 -10.25 -5.82 6.61
C ILE A 390 -9.85 -4.72 5.61
N SER A 391 -9.02 -5.07 4.64
CA SER A 391 -8.67 -4.11 3.59
C SER A 391 -8.62 -4.79 2.21
N ALA A 392 -8.43 -6.10 2.20
CA ALA A 392 -8.71 -6.87 1.01
C ALA A 392 -9.54 -8.03 1.49
N TRP A 393 -10.48 -8.41 0.63
CA TRP A 393 -11.30 -9.59 0.78
C TRP A 393 -11.32 -10.00 -0.68
N PRO A 394 -11.34 -11.31 -0.96
CA PRO A 394 -11.18 -11.78 -2.33
C PRO A 394 -12.30 -11.20 -3.17
N ASP A 395 -12.06 -10.91 -4.44
CA ASP A 395 -13.07 -10.26 -5.26
C ASP A 395 -14.44 -10.95 -5.24
N SER A 396 -14.44 -12.29 -5.27
CA SER A 396 -15.68 -13.10 -5.27
C SER A 396 -16.62 -12.81 -4.08
N LEU A 397 -16.51 -13.62 -3.01
CA LEU A 397 -17.36 -13.51 -1.81
C LEU A 397 -18.00 -12.14 -1.64
N PRO A 398 -19.30 -12.04 -1.90
CA PRO A 398 -19.89 -10.72 -1.99
C PRO A 398 -20.10 -10.12 -0.62
N ASP A 399 -19.88 -10.89 0.43
CA ASP A 399 -20.18 -10.42 1.77
C ASP A 399 -19.25 -11.02 2.82
N LEU A 400 -19.07 -10.28 3.92
CA LEU A 400 -18.35 -10.77 5.08
C LEU A 400 -19.31 -11.66 5.81
N SER A 401 -19.31 -12.95 5.49
CA SER A 401 -20.26 -13.87 6.09
C SER A 401 -19.61 -15.17 6.50
N VAL A 402 -18.29 -15.25 6.36
CA VAL A 402 -17.56 -16.37 6.92
C VAL A 402 -17.57 -16.13 8.43
N PHE A 403 -17.97 -14.91 8.78
CA PHE A 403 -18.23 -14.47 10.16
C PHE A 403 -19.72 -14.38 10.41
N GLN A 404 -20.51 -15.01 9.55
CA GLN A 404 -21.96 -15.00 9.73
C GLN A 404 -22.35 -15.34 11.18
N ASN A 405 -21.53 -16.11 11.87
CA ASN A 405 -21.84 -16.51 13.23
C ASN A 405 -21.17 -15.63 14.24
N LEU A 406 -20.32 -14.71 13.77
CA LEU A 406 -19.66 -13.74 14.67
C LEU A 406 -20.69 -12.96 15.44
N GLN A 407 -20.59 -13.09 16.75
CA GLN A 407 -21.62 -12.60 17.61
C GLN A 407 -21.21 -11.28 18.29
N VAL A 408 -20.00 -11.22 18.87
CA VAL A 408 -19.53 -10.03 19.59
C VAL A 408 -18.06 -9.74 19.29
N ILE A 409 -17.70 -8.46 19.16
CA ILE A 409 -16.30 -8.01 19.07
C ILE A 409 -15.98 -7.06 20.22
N ARG A 410 -15.10 -7.45 21.13
CA ARG A 410 -14.94 -6.68 22.35
C ARG A 410 -13.93 -5.55 22.23
N GLY A 411 -12.98 -5.69 21.33
CA GLY A 411 -12.04 -4.63 21.05
C GLY A 411 -11.22 -4.18 22.23
N ARG A 412 -10.67 -5.14 22.97
CA ARG A 412 -9.72 -4.82 24.01
C ARG A 412 -8.33 -4.82 23.40
N ILE A 413 -8.29 -4.91 22.09
CA ILE A 413 -7.19 -4.38 21.32
C ILE A 413 -8.00 -3.56 20.34
N LEU A 414 -7.45 -2.50 19.78
CA LEU A 414 -8.20 -1.77 18.78
C LEU A 414 -7.19 -1.50 17.70
N HIS A 415 -7.61 -1.57 16.44
CA HIS A 415 -6.68 -1.29 15.37
C HIS A 415 -6.26 0.16 15.48
N ASN A 416 -5.06 0.48 15.00
CA ASN A 416 -4.45 1.82 15.14
C ASN A 416 -4.93 2.56 16.37
N GLY A 417 -4.97 1.87 17.50
CA GLY A 417 -5.40 2.45 18.76
C GLY A 417 -6.90 2.54 18.95
N ALA A 418 -7.63 2.92 17.92
CA ALA A 418 -8.99 3.41 18.12
C ALA A 418 -10.14 2.53 17.64
N TYR A 419 -9.88 1.68 16.64
CA TYR A 419 -10.90 0.99 15.85
C TYR A 419 -11.06 -0.53 16.04
N SER A 420 -12.21 -0.94 16.60
CA SER A 420 -12.46 -2.34 16.88
C SER A 420 -12.86 -3.10 15.64
N LEU A 421 -13.46 -2.42 14.66
CA LEU A 421 -13.86 -3.03 13.40
C LEU A 421 -13.65 -2.08 12.25
N THR A 422 -12.73 -2.43 11.37
CA THR A 422 -12.38 -1.55 10.26
C THR A 422 -12.68 -2.28 8.96
N LEU A 423 -12.98 -1.54 7.90
CA LEU A 423 -13.36 -2.13 6.61
C LEU A 423 -13.09 -1.18 5.49
N GLN A 424 -11.99 -1.33 4.77
CA GLN A 424 -11.69 -0.36 3.73
C GLN A 424 -11.12 -0.89 2.45
N GLY A 425 -11.52 -0.28 1.35
CA GLY A 425 -10.96 -0.61 0.04
C GLY A 425 -11.40 -1.98 -0.43
N LEU A 426 -12.54 -2.42 0.08
CA LEU A 426 -13.06 -3.72 -0.29
C LEU A 426 -13.71 -3.77 -1.67
N GLY A 427 -14.91 -4.33 -1.71
CA GLY A 427 -15.60 -4.64 -2.95
C GLY A 427 -16.65 -5.69 -2.68
N ILE A 428 -17.01 -5.81 -1.41
CA ILE A 428 -18.17 -6.59 -1.02
C ILE A 428 -19.39 -5.76 -1.39
N SER A 429 -20.55 -6.41 -1.43
CA SER A 429 -21.76 -5.73 -1.85
C SER A 429 -22.71 -5.59 -0.70
N TRP A 430 -22.46 -6.35 0.35
CA TRP A 430 -23.15 -6.11 1.61
C TRP A 430 -22.40 -6.78 2.75
N LEU A 431 -22.69 -6.35 3.96
CA LEU A 431 -21.96 -6.83 5.13
C LEU A 431 -22.19 -8.31 5.38
N GLY A 432 -23.11 -8.63 6.27
CA GLY A 432 -23.55 -10.01 6.42
C GLY A 432 -23.23 -10.67 7.73
N LEU A 433 -23.06 -9.89 8.79
CA LEU A 433 -22.64 -10.43 10.06
C LEU A 433 -23.82 -10.83 10.97
N ARG A 434 -25.00 -10.93 10.36
CA ARG A 434 -26.25 -11.40 10.99
C ARG A 434 -26.24 -11.59 12.49
N SER A 435 -25.26 -12.35 12.98
CA SER A 435 -25.23 -12.77 14.37
C SER A 435 -24.57 -11.74 15.27
N LEU A 436 -23.93 -10.73 14.66
CA LEU A 436 -23.18 -9.68 15.37
C LEU A 436 -24.06 -8.75 16.19
N ARG A 437 -24.04 -8.91 17.51
CA ARG A 437 -24.87 -8.13 18.40
C ARG A 437 -24.10 -7.07 19.20
N GLU A 438 -22.87 -7.39 19.62
CA GLU A 438 -22.12 -6.48 20.49
C GLU A 438 -20.88 -5.96 19.80
N LEU A 439 -20.66 -4.66 19.89
CA LEU A 439 -19.42 -4.09 19.43
C LEU A 439 -18.76 -3.53 20.67
N GLY A 440 -18.50 -4.42 21.62
CA GLY A 440 -18.03 -4.09 22.97
C GLY A 440 -17.47 -2.71 23.24
N SER A 441 -16.49 -2.32 22.44
CA SER A 441 -15.82 -1.04 22.60
C SER A 441 -15.17 -0.64 21.29
N GLY A 442 -14.85 0.64 21.17
CA GLY A 442 -14.10 1.14 20.02
C GLY A 442 -15.03 1.72 18.98
N LEU A 443 -14.46 2.25 17.91
CA LEU A 443 -15.27 2.80 16.83
C LEU A 443 -15.23 1.86 15.65
N ALA A 444 -16.30 1.86 14.87
CA ALA A 444 -16.33 1.10 13.64
C ALA A 444 -16.01 2.02 12.49
N LEU A 445 -15.02 1.67 11.70
CA LEU A 445 -14.68 2.48 10.55
C LEU A 445 -14.99 1.69 9.30
N ILE A 446 -15.90 2.18 8.46
CA ILE A 446 -16.27 1.52 7.21
C ILE A 446 -16.18 2.49 6.03
N HIS A 447 -15.07 2.46 5.31
CA HIS A 447 -14.90 3.38 4.21
C HIS A 447 -14.42 2.78 2.89
N HIS A 448 -14.71 3.47 1.81
CA HIS A 448 -14.16 3.15 0.50
C HIS A 448 -14.50 1.75 -0.06
N ASN A 449 -15.64 1.21 0.34
CA ASN A 449 -16.16 -0.02 -0.27
C ASN A 449 -17.21 0.34 -1.33
N THR A 450 -16.78 0.39 -2.58
CA THR A 450 -17.59 0.99 -3.65
C THR A 450 -18.97 0.40 -3.82
N HIS A 451 -19.15 -0.85 -3.39
CA HIS A 451 -20.38 -1.60 -3.67
C HIS A 451 -21.13 -1.89 -2.39
N LEU A 452 -20.66 -1.28 -1.31
CA LEU A 452 -21.20 -1.58 -0.02
C LEU A 452 -22.51 -0.88 0.25
N CYS A 453 -23.57 -1.67 0.27
CA CYS A 453 -24.85 -1.21 0.73
C CYS A 453 -25.19 -1.99 1.99
N PHE A 454 -26.40 -1.82 2.50
CA PHE A 454 -26.79 -2.39 3.78
C PHE A 454 -25.80 -2.05 4.88
N VAL A 455 -25.35 -0.79 4.92
CA VAL A 455 -24.63 -0.27 6.07
C VAL A 455 -25.58 0.59 6.88
N HIS A 456 -26.12 1.63 6.22
CA HIS A 456 -27.18 2.47 6.75
C HIS A 456 -28.23 1.61 7.43
N THR A 457 -28.72 0.63 6.67
CA THR A 457 -29.72 -0.35 7.12
C THR A 457 -29.45 -1.02 8.47
N VAL A 458 -28.18 -0.97 8.91
CA VAL A 458 -27.77 -1.49 10.22
C VAL A 458 -27.93 -0.50 11.38
N PRO A 459 -28.50 -0.98 12.49
CA PRO A 459 -28.78 -0.10 13.62
C PRO A 459 -27.65 -0.08 14.61
N TRP A 460 -26.50 0.51 14.27
CA TRP A 460 -25.31 0.47 15.10
C TRP A 460 -25.56 0.81 16.56
N ASP A 461 -26.41 1.80 16.80
CA ASP A 461 -26.65 2.30 18.16
C ASP A 461 -26.98 1.24 19.23
N GLN A 462 -27.21 0.00 18.84
CA GLN A 462 -27.53 -1.03 19.81
C GLN A 462 -26.40 -2.04 19.95
N LEU A 463 -25.52 -2.08 18.96
CA LEU A 463 -24.31 -2.89 19.07
C LEU A 463 -23.47 -2.24 20.14
N PHE A 464 -23.29 -0.93 19.97
CA PHE A 464 -22.40 -0.13 20.79
C PHE A 464 -22.70 -0.24 22.28
N ARG A 465 -21.69 0.09 23.10
CA ARG A 465 -21.79 -0.09 24.54
C ARG A 465 -21.55 1.20 25.34
N ASN A 466 -20.81 2.14 24.78
CA ASN A 466 -20.56 3.37 25.51
C ASN A 466 -20.82 4.62 24.68
N PRO A 467 -21.13 5.76 25.34
CA PRO A 467 -21.46 7.01 24.64
C PRO A 467 -20.35 7.52 23.71
N HIS A 468 -19.10 7.33 24.08
CA HIS A 468 -18.00 7.80 23.25
C HIS A 468 -17.95 7.05 21.91
N GLN A 469 -18.72 5.97 21.80
CA GLN A 469 -18.71 5.12 20.61
C GLN A 469 -19.58 5.59 19.46
N ALA A 470 -19.11 5.34 18.24
CA ALA A 470 -19.83 5.76 17.05
C ALA A 470 -19.28 5.12 15.80
N LEU A 471 -20.16 4.81 14.85
CA LEU A 471 -19.74 4.26 13.57
C LEU A 471 -19.48 5.41 12.66
N LEU A 472 -18.26 5.50 12.13
CA LEU A 472 -17.95 6.51 11.13
C LEU A 472 -17.58 5.88 9.80
N HIS A 473 -18.05 6.50 8.73
CA HIS A 473 -18.02 5.90 7.41
C HIS A 473 -18.01 6.94 6.31
N THR A 474 -17.33 6.64 5.22
CA THR A 474 -17.31 7.54 4.08
C THR A 474 -16.89 6.85 2.80
N ALA A 475 -17.06 7.52 1.66
CA ALA A 475 -16.66 6.97 0.36
C ALA A 475 -17.30 5.63 0.02
N ASN A 476 -18.33 5.25 0.76
CA ASN A 476 -19.03 4.01 0.48
C ASN A 476 -19.94 4.10 -0.73
N ARG A 477 -20.85 3.13 -0.88
CA ARG A 477 -21.85 3.19 -1.93
C ARG A 477 -23.03 4.00 -1.42
N PRO A 478 -23.32 5.14 -2.09
CA PRO A 478 -24.32 6.16 -1.76
C PRO A 478 -25.65 5.54 -1.41
N GLU A 479 -26.12 5.70 -0.17
CA GLU A 479 -27.31 4.96 0.24
C GLU A 479 -28.62 5.43 -0.37
N ASP A 480 -28.58 6.39 -1.29
CA ASP A 480 -29.78 6.76 -2.04
C ASP A 480 -29.81 6.00 -3.37
N GLU A 481 -28.64 5.83 -3.97
CA GLU A 481 -28.45 5.01 -5.15
C GLU A 481 -28.64 3.53 -4.77
N CYS A 482 -28.84 3.30 -3.48
CA CYS A 482 -28.95 1.97 -2.90
C CYS A 482 -30.39 1.42 -2.96
N VAL A 483 -31.38 2.29 -2.86
CA VAL A 483 -32.72 1.90 -3.24
C VAL A 483 -32.82 2.17 -4.72
N GLY A 484 -31.74 2.70 -5.28
CA GLY A 484 -31.66 2.96 -6.70
C GLY A 484 -31.59 1.69 -7.51
N GLU A 485 -30.91 0.68 -6.98
CA GLU A 485 -30.93 -0.64 -7.59
C GLU A 485 -31.95 -1.53 -6.89
N GLY A 486 -32.48 -1.03 -5.77
CA GLY A 486 -33.58 -1.70 -5.10
C GLY A 486 -33.28 -2.30 -3.73
N LEU A 487 -31.99 -2.42 -3.40
CA LEU A 487 -31.52 -3.05 -2.17
C LEU A 487 -32.07 -2.40 -0.89
N ALA A 488 -32.73 -3.21 -0.06
CA ALA A 488 -33.24 -2.75 1.22
C ALA A 488 -33.66 -3.95 2.04
N CYS A 489 -33.84 -3.76 3.35
CA CYS A 489 -34.13 -4.88 4.25
C CYS A 489 -35.40 -5.59 3.83
N HIS A 490 -35.54 -6.83 4.26
CA HIS A 490 -36.68 -7.70 3.92
C HIS A 490 -37.85 -7.48 4.89
N GLN A 491 -39.07 -7.83 4.48
CA GLN A 491 -40.25 -7.57 5.29
C GLN A 491 -40.23 -8.27 6.66
N LEU A 492 -39.58 -9.41 6.76
CA LEU A 492 -39.58 -10.14 8.02
C LEU A 492 -38.50 -9.65 8.99
N CYS A 493 -37.71 -8.67 8.57
CA CYS A 493 -36.69 -8.04 9.41
C CYS A 493 -37.33 -6.93 10.24
N ALA A 494 -37.36 -7.12 11.56
CA ALA A 494 -38.05 -6.20 12.46
C ALA A 494 -37.50 -4.79 12.39
N ARG A 495 -38.30 -3.84 12.84
CA ARG A 495 -37.89 -2.43 13.00
C ARG A 495 -37.07 -1.90 11.83
N GLY A 496 -37.31 -2.42 10.65
CA GLY A 496 -36.60 -1.97 9.46
C GLY A 496 -35.13 -2.32 9.40
N HIS A 497 -34.66 -3.25 10.23
CA HIS A 497 -33.21 -3.47 10.38
C HIS A 497 -32.66 -4.80 9.93
N CYS A 498 -31.71 -4.72 8.98
CA CYS A 498 -31.08 -5.91 8.40
C CYS A 498 -29.58 -5.70 8.12
N TRP A 499 -28.84 -6.81 7.96
CA TRP A 499 -27.43 -6.79 7.58
C TRP A 499 -27.18 -7.10 6.10
N GLY A 500 -28.25 -7.20 5.33
CA GLY A 500 -28.17 -7.62 3.95
C GLY A 500 -29.49 -8.20 3.47
N PRO A 501 -29.60 -8.45 2.16
CA PRO A 501 -30.87 -8.83 1.56
C PRO A 501 -31.42 -10.12 2.13
N GLY A 502 -32.74 -10.24 2.12
CA GLY A 502 -33.39 -11.48 2.51
C GLY A 502 -33.48 -11.64 4.01
N PRO A 503 -34.26 -12.63 4.46
CA PRO A 503 -34.48 -12.95 5.87
C PRO A 503 -33.50 -13.97 6.49
N THR A 504 -32.28 -14.03 5.97
CA THR A 504 -31.20 -14.62 6.76
C THR A 504 -30.57 -13.49 7.55
N GLN A 505 -30.26 -12.38 6.86
CA GLN A 505 -29.54 -11.23 7.41
C GLN A 505 -30.42 -10.24 8.15
N CYS A 506 -31.55 -10.68 8.66
CA CYS A 506 -32.30 -9.82 9.55
C CYS A 506 -31.46 -9.48 10.78
N VAL A 507 -31.98 -8.61 11.64
CA VAL A 507 -31.33 -8.35 12.93
C VAL A 507 -32.18 -8.87 14.08
N ASN A 508 -33.47 -8.55 14.04
CA ASN A 508 -34.42 -9.31 14.83
C ASN A 508 -35.58 -9.72 13.93
N CYS A 509 -35.99 -10.98 14.03
CA CYS A 509 -37.06 -11.49 13.21
C CYS A 509 -38.37 -10.81 13.60
N SER A 510 -39.19 -10.53 12.59
CA SER A 510 -40.47 -9.83 12.79
C SER A 510 -41.32 -10.64 13.75
N GLN A 511 -41.41 -11.92 13.48
CA GLN A 511 -42.24 -12.76 14.31
C GLN A 511 -41.44 -13.91 14.90
N PHE A 512 -41.06 -14.87 14.08
CA PHE A 512 -40.32 -15.99 14.63
C PHE A 512 -39.13 -16.37 13.77
N LEU A 513 -38.29 -17.21 14.36
CA LEU A 513 -37.12 -17.72 13.68
C LEU A 513 -37.34 -19.21 13.39
N ARG A 514 -37.05 -19.62 12.16
CA ARG A 514 -36.92 -21.05 11.88
C ARG A 514 -35.49 -21.30 11.46
N GLY A 515 -34.62 -21.46 12.44
CA GLY A 515 -33.20 -21.62 12.18
C GLY A 515 -32.46 -20.30 11.96
N GLN A 516 -32.16 -20.01 10.71
CA GLN A 516 -31.43 -18.80 10.38
C GLN A 516 -32.31 -17.92 9.52
N GLU A 517 -33.50 -18.43 9.25
CA GLU A 517 -34.41 -17.75 8.34
C GLU A 517 -35.56 -17.22 9.17
N CYS A 518 -36.01 -16.02 8.83
CA CYS A 518 -37.14 -15.42 9.52
C CYS A 518 -38.44 -15.94 8.89
N VAL A 519 -39.45 -16.15 9.72
CA VAL A 519 -40.77 -16.43 9.20
C VAL A 519 -41.90 -15.73 9.93
N GLU A 520 -43.08 -15.81 9.30
CA GLU A 520 -44.31 -15.17 9.74
C GLU A 520 -44.88 -15.86 10.97
N GLU A 521 -44.73 -17.17 11.03
CA GLU A 521 -45.29 -17.96 12.12
C GLU A 521 -44.64 -19.33 12.25
N CYS A 522 -45.07 -20.10 13.23
CA CYS A 522 -44.56 -21.46 13.43
C CYS A 522 -45.65 -22.49 13.19
N ARG A 523 -45.30 -23.55 12.46
CA ARG A 523 -46.24 -24.63 12.21
C ARG A 523 -46.72 -25.19 13.53
N VAL A 524 -47.78 -24.61 14.07
CA VAL A 524 -48.48 -25.24 15.17
C VAL A 524 -49.77 -25.84 14.61
N LEU A 525 -50.13 -25.40 13.39
CA LEU A 525 -51.41 -25.74 12.82
C LEU A 525 -51.41 -26.38 11.42
N GLN A 526 -50.49 -25.98 10.55
CA GLN A 526 -50.64 -26.37 9.13
C GLN A 526 -49.42 -26.91 8.35
N GLY A 527 -48.21 -26.52 8.75
CA GLY A 527 -47.02 -26.86 7.99
C GLY A 527 -46.64 -28.34 7.92
N LEU A 528 -45.88 -28.70 6.88
CA LEU A 528 -45.56 -30.10 6.58
C LEU A 528 -45.19 -30.99 7.78
N PRO A 529 -44.42 -30.47 8.75
CA PRO A 529 -44.41 -31.07 10.09
C PRO A 529 -44.83 -30.08 11.17
N ARG A 530 -45.78 -30.42 12.03
CA ARG A 530 -46.18 -29.49 13.07
C ARG A 530 -45.03 -29.23 14.04
N GLU A 531 -44.77 -27.96 14.31
CA GLU A 531 -43.68 -27.56 15.18
C GLU A 531 -44.20 -27.04 16.52
N TYR A 532 -43.28 -26.64 17.37
CA TYR A 532 -43.62 -26.00 18.64
C TYR A 532 -42.71 -24.79 18.81
N VAL A 533 -43.28 -23.69 19.30
CA VAL A 533 -42.55 -22.42 19.41
C VAL A 533 -41.78 -22.37 20.72
N ASN A 534 -40.58 -21.79 20.67
CA ASN A 534 -39.70 -21.73 21.84
C ASN A 534 -38.59 -20.68 21.74
N ALA A 535 -38.77 -19.59 22.51
CA ALA A 535 -37.95 -18.38 22.42
C ALA A 535 -38.09 -17.74 21.05
N ARG A 536 -39.33 -17.74 20.56
CA ARG A 536 -39.64 -17.31 19.19
C ARG A 536 -38.81 -18.01 18.11
N HIS A 537 -38.28 -19.18 18.48
CA HIS A 537 -37.66 -20.11 17.55
C HIS A 537 -38.70 -21.15 17.22
N CYS A 538 -38.70 -21.63 15.99
CA CYS A 538 -39.53 -22.75 15.63
C CYS A 538 -38.70 -24.03 15.68
N LEU A 539 -39.20 -25.05 16.37
CA LEU A 539 -38.49 -26.32 16.51
C LEU A 539 -39.48 -27.47 16.36
N PRO A 540 -39.02 -28.61 15.81
CA PRO A 540 -39.90 -29.75 15.50
C PRO A 540 -40.37 -30.53 16.70
N CYS A 541 -41.56 -31.12 16.61
CA CYS A 541 -42.04 -32.05 17.63
C CYS A 541 -41.51 -33.42 17.26
N HIS A 542 -41.88 -34.45 18.02
CA HIS A 542 -41.36 -35.78 17.70
C HIS A 542 -42.15 -36.52 16.62
N PRO A 543 -41.47 -36.90 15.52
CA PRO A 543 -42.01 -37.43 14.27
C PRO A 543 -43.13 -38.46 14.43
N GLU A 544 -43.17 -39.18 15.55
CA GLU A 544 -44.28 -40.09 15.80
C GLU A 544 -45.27 -39.49 16.79
N CYS A 545 -46.01 -38.51 16.30
CA CYS A 545 -47.05 -37.83 17.06
C CYS A 545 -48.12 -37.36 16.09
N GLN A 546 -48.84 -38.34 15.53
CA GLN A 546 -49.75 -38.21 14.37
C GLN A 546 -50.22 -36.81 13.90
N PRO A 547 -50.13 -36.58 12.58
CA PRO A 547 -50.62 -35.39 11.88
C PRO A 547 -52.12 -35.18 12.13
N GLN A 548 -52.47 -34.03 12.69
CA GLN A 548 -53.87 -33.72 12.99
C GLN A 548 -54.56 -32.99 11.83
N ASN A 549 -55.71 -33.49 11.40
CA ASN A 549 -56.47 -32.91 10.31
C ASN A 549 -56.91 -31.46 10.58
N GLY A 550 -55.95 -30.57 10.82
CA GLY A 550 -56.23 -29.16 11.00
C GLY A 550 -55.83 -28.52 12.33
N SER A 551 -56.09 -29.21 13.43
CA SER A 551 -55.88 -28.65 14.76
C SER A 551 -54.43 -28.78 15.24
N VAL A 552 -54.21 -28.55 16.53
CA VAL A 552 -52.88 -28.67 17.12
C VAL A 552 -52.43 -30.13 17.12
N THR A 553 -51.15 -30.34 16.83
CA THR A 553 -50.61 -31.70 16.75
C THR A 553 -49.61 -31.96 17.85
N CYS A 554 -48.49 -31.23 17.81
CA CYS A 554 -47.43 -31.40 18.79
C CYS A 554 -47.71 -30.52 19.99
N PHE A 555 -46.87 -30.65 21.01
CA PHE A 555 -46.88 -29.74 22.15
C PHE A 555 -45.48 -29.66 22.77
N GLY A 556 -44.47 -30.14 22.04
CA GLY A 556 -43.09 -30.05 22.51
C GLY A 556 -42.14 -30.94 21.73
N PRO A 557 -40.81 -30.70 21.85
CA PRO A 557 -39.79 -31.33 20.99
C PRO A 557 -39.69 -32.84 21.18
N GLU A 558 -39.87 -33.29 22.41
CA GLU A 558 -39.58 -34.66 22.79
C GLU A 558 -40.68 -35.64 22.38
N ALA A 559 -40.48 -36.91 22.72
CA ALA A 559 -41.22 -38.01 22.12
C ALA A 559 -42.66 -38.17 22.58
N ASP A 560 -42.94 -37.69 23.78
CA ASP A 560 -44.22 -37.97 24.41
C ASP A 560 -45.34 -36.95 24.09
N GLN A 561 -45.01 -35.67 24.24
CA GLN A 561 -45.97 -34.59 24.42
C GLN A 561 -46.85 -34.28 23.22
N CYS A 562 -47.30 -35.30 22.49
CA CYS A 562 -47.95 -35.04 21.23
C CYS A 562 -49.37 -35.61 21.12
N VAL A 563 -49.55 -36.54 20.19
CA VAL A 563 -50.80 -37.28 20.03
C VAL A 563 -50.59 -38.80 20.06
N ALA A 564 -49.99 -39.37 18.99
CA ALA A 564 -49.79 -40.82 18.89
C ALA A 564 -49.05 -41.17 17.60
N GLN B 1 8.25 -22.37 -12.71
CA GLN B 1 9.23 -21.34 -12.37
C GLN B 1 9.70 -20.52 -13.59
N SER B 2 9.58 -21.07 -14.80
CA SER B 2 10.06 -20.41 -16.03
C SER B 2 9.07 -20.54 -17.20
N VAL B 3 9.35 -19.82 -18.30
CA VAL B 3 8.45 -19.81 -19.48
C VAL B 3 9.11 -19.46 -20.84
N LEU B 4 8.34 -19.69 -21.91
CA LEU B 4 8.72 -19.35 -23.30
C LEU B 4 7.51 -18.87 -24.12
N THR B 5 7.66 -17.74 -24.82
CA THR B 5 6.57 -17.17 -25.62
C THR B 5 6.67 -17.48 -27.09
N GLN B 6 5.66 -18.15 -27.62
CA GLN B 6 5.53 -18.32 -29.07
C GLN B 6 4.18 -17.78 -29.55
N PRO B 7 4.21 -16.88 -30.54
CA PRO B 7 5.46 -16.40 -31.16
C PRO B 7 5.96 -15.12 -30.48
N PRO B 8 7.21 -14.73 -30.77
CA PRO B 8 7.66 -13.39 -30.38
C PRO B 8 6.94 -12.32 -31.19
N SER B 9 6.14 -12.74 -32.16
CA SER B 9 5.35 -11.84 -32.99
C SER B 9 4.18 -12.51 -33.71
N ALA B 10 2.97 -12.05 -33.41
CA ALA B 10 1.79 -12.41 -34.18
C ALA B 10 1.14 -11.10 -34.64
N SER B 11 0.53 -11.10 -35.82
CA SER B 11 -0.06 -9.88 -36.37
C SER B 11 -1.59 -9.96 -36.40
N GLY B 12 -2.25 -8.81 -36.57
CA GLY B 12 -3.69 -8.77 -36.50
C GLY B 12 -4.44 -7.61 -37.13
N THR B 13 -5.54 -7.93 -37.81
CA THR B 13 -6.47 -6.97 -38.40
C THR B 13 -7.70 -6.87 -37.50
N PRO B 14 -8.49 -5.77 -37.61
CA PRO B 14 -9.65 -5.56 -36.74
C PRO B 14 -10.69 -6.69 -36.70
N GLY B 15 -11.61 -6.60 -35.74
CA GLY B 15 -12.70 -7.55 -35.57
C GLY B 15 -12.30 -8.98 -35.26
N GLN B 16 -11.00 -9.27 -35.35
CA GLN B 16 -10.48 -10.63 -35.29
C GLN B 16 -10.39 -11.16 -33.85
N THR B 17 -10.37 -12.49 -33.72
CA THR B 17 -10.15 -13.15 -32.44
C THR B 17 -8.73 -13.70 -32.36
N VAL B 18 -7.98 -13.23 -31.36
CA VAL B 18 -6.53 -13.42 -31.30
C VAL B 18 -6.13 -14.47 -30.25
N THR B 19 -4.84 -14.87 -30.26
CA THR B 19 -4.28 -15.79 -29.27
C THR B 19 -2.78 -15.55 -29.05
N LEU B 20 -2.35 -15.60 -27.80
CA LEU B 20 -0.92 -15.54 -27.46
C LEU B 20 -0.60 -16.60 -26.41
N SER B 21 0.64 -17.09 -26.42
CA SER B 21 0.98 -18.27 -25.63
C SER B 21 2.12 -18.08 -24.63
N CYS B 22 2.34 -19.11 -23.82
CA CYS B 22 3.33 -19.10 -22.76
C CYS B 22 3.37 -20.51 -22.17
N SER B 23 4.55 -21.07 -22.03
CA SER B 23 4.70 -22.46 -21.59
C SER B 23 5.37 -22.61 -20.22
N GLY B 24 4.56 -22.78 -19.18
CA GLY B 24 5.04 -22.92 -17.81
C GLY B 24 5.91 -24.15 -17.59
N SER B 25 7.10 -23.94 -17.05
CA SER B 25 8.12 -24.99 -17.03
C SER B 25 8.05 -25.93 -15.82
N ARG B 26 6.93 -25.90 -15.13
CA ARG B 26 6.68 -26.81 -14.02
C ARG B 26 5.21 -26.68 -13.72
N THR B 27 4.61 -27.71 -13.12
CA THR B 27 3.23 -27.61 -12.68
C THR B 27 3.15 -26.45 -11.70
N ASN B 28 2.86 -25.26 -12.25
CA ASN B 28 2.82 -24.03 -11.48
C ASN B 28 1.75 -24.11 -10.38
N ALA B 29 1.49 -23.03 -9.64
CA ALA B 29 0.25 -23.03 -8.87
C ALA B 29 -0.79 -23.15 -9.99
N GLY B 30 -1.81 -23.99 -9.80
CA GLY B 30 -2.28 -24.43 -8.50
C GLY B 30 -3.78 -24.30 -8.21
N ARG B 31 -4.57 -23.45 -8.89
CA ARG B 31 -4.17 -22.56 -10.00
C ARG B 31 -4.43 -21.07 -9.73
N ASP B 32 -3.52 -20.23 -10.26
CA ASP B 32 -3.56 -18.74 -10.38
C ASP B 32 -2.29 -17.96 -10.02
N PRO B 33 -1.16 -18.26 -10.69
CA PRO B 33 -0.04 -17.34 -10.51
C PRO B 33 0.05 -16.37 -11.70
N VAL B 34 -0.36 -16.83 -12.87
CA VAL B 34 -0.01 -16.19 -14.13
C VAL B 34 -0.74 -14.87 -14.42
N SER B 35 -0.05 -13.99 -15.15
CA SER B 35 -0.57 -12.66 -15.46
C SER B 35 0.09 -12.09 -16.73
N TRP B 36 -0.70 -11.41 -17.56
CA TRP B 36 -0.21 -10.82 -18.81
C TRP B 36 -0.14 -9.29 -18.76
N TYR B 37 0.76 -8.72 -19.54
CA TYR B 37 0.98 -7.27 -19.55
C TYR B 37 0.82 -6.63 -20.94
N GLN B 38 0.59 -5.32 -20.97
CA GLN B 38 0.60 -4.56 -22.21
C GLN B 38 1.71 -3.50 -22.19
N GLN B 39 2.49 -3.45 -23.27
CA GLN B 39 3.62 -2.53 -23.36
C GLN B 39 3.51 -1.55 -24.55
N LEU B 40 3.14 -0.30 -24.26
CA LEU B 40 3.11 0.73 -25.29
C LEU B 40 4.51 1.29 -25.50
N PRO B 41 4.87 1.59 -26.77
CA PRO B 41 6.23 1.99 -27.15
C PRO B 41 6.75 3.17 -26.33
N GLY B 42 7.73 2.90 -25.48
CA GLY B 42 8.39 3.95 -24.73
C GLY B 42 7.64 4.43 -23.51
N THR B 43 6.75 3.59 -23.00
CA THR B 43 6.07 3.87 -21.74
C THR B 43 5.98 2.61 -20.86
N ALA B 44 5.54 2.79 -19.61
CA ALA B 44 5.54 1.72 -18.62
C ALA B 44 4.56 0.59 -18.94
N PRO B 45 5.02 -0.67 -18.81
CA PRO B 45 4.14 -1.83 -18.97
C PRO B 45 3.05 -1.80 -17.90
N LYS B 46 1.86 -2.31 -18.23
CA LYS B 46 0.79 -2.39 -17.26
C LYS B 46 0.13 -3.76 -17.30
N LEU B 47 -0.37 -4.20 -16.15
CA LEU B 47 -0.99 -5.51 -16.02
C LEU B 47 -2.32 -5.51 -16.77
N LEU B 48 -2.69 -6.66 -17.33
CA LEU B 48 -3.96 -6.82 -18.05
C LEU B 48 -4.87 -7.88 -17.43
N THR B 49 -4.39 -9.11 -17.36
CA THR B 49 -5.15 -10.15 -16.68
C THR B 49 -4.24 -10.73 -15.61
N SER B 50 -4.84 -11.24 -14.55
CA SER B 50 -4.10 -12.00 -13.55
C SER B 50 -5.05 -12.95 -12.87
N THR B 51 -4.49 -13.95 -12.19
CA THR B 51 -5.20 -15.19 -11.85
C THR B 51 -5.68 -15.78 -13.15
N ALA B 52 -4.97 -15.45 -14.22
CA ALA B 52 -5.25 -15.90 -15.58
C ALA B 52 -6.54 -15.34 -16.23
N PRO B 53 -7.71 -15.62 -15.64
CA PRO B 53 -8.97 -15.18 -16.24
C PRO B 53 -9.68 -14.08 -15.42
N GLN B 54 -8.96 -13.03 -15.06
CA GLN B 54 -9.54 -11.94 -14.26
C GLN B 54 -8.92 -10.56 -14.55
N GLY B 55 -9.68 -9.73 -15.24
CA GLY B 55 -9.29 -8.36 -15.53
C GLY B 55 -9.24 -7.55 -14.23
N PRO B 56 -8.40 -6.50 -14.20
CA PRO B 56 -8.39 -5.60 -13.06
C PRO B 56 -9.39 -4.48 -13.35
N SER B 57 -9.08 -3.27 -12.93
CA SER B 57 -9.97 -2.14 -13.17
C SER B 57 -9.25 -1.04 -13.98
N GLY B 58 -9.69 -0.85 -15.22
CA GLY B 58 -9.04 0.05 -16.14
C GLY B 58 -8.41 -0.72 -17.28
N VAL B 59 -8.74 -2.02 -17.33
CA VAL B 59 -8.32 -2.88 -18.43
C VAL B 59 -9.56 -3.63 -18.95
N PRO B 60 -9.94 -3.37 -20.22
CA PRO B 60 -11.23 -3.64 -20.88
C PRO B 60 -11.59 -5.11 -21.11
N ASP B 61 -12.89 -5.35 -21.34
CA ASP B 61 -13.44 -6.71 -21.39
C ASP B 61 -13.15 -7.48 -22.67
N ARG B 62 -12.64 -6.80 -23.70
CA ARG B 62 -12.14 -7.52 -24.87
C ARG B 62 -10.81 -8.18 -24.50
N PHE B 63 -10.42 -8.03 -23.23
CA PHE B 63 -9.28 -8.76 -22.67
C PHE B 63 -9.77 -9.80 -21.68
N SER B 64 -9.17 -10.98 -21.74
CA SER B 64 -9.46 -12.09 -20.84
C SER B 64 -8.51 -13.25 -21.13
N GLY B 65 -7.71 -13.62 -20.15
CA GLY B 65 -6.74 -14.70 -20.31
C GLY B 65 -7.29 -16.06 -19.94
N SER B 66 -6.39 -17.04 -19.85
CA SER B 66 -6.76 -18.42 -19.49
C SER B 66 -5.53 -19.30 -19.26
N LYS B 67 -5.77 -20.56 -18.88
CA LYS B 67 -4.71 -21.55 -18.76
C LYS B 67 -5.16 -22.97 -19.09
N SER B 68 -4.20 -23.85 -19.32
CA SER B 68 -4.47 -25.25 -19.64
C SER B 68 -3.20 -26.06 -19.46
N GLY B 69 -3.17 -26.90 -18.42
CA GLY B 69 -1.98 -27.67 -18.12
C GLY B 69 -0.89 -26.71 -17.72
N THR B 70 0.24 -26.76 -18.41
CA THR B 70 1.31 -25.79 -18.14
C THR B 70 1.49 -24.81 -19.31
N SER B 71 0.38 -24.17 -19.69
CA SER B 71 0.40 -23.19 -20.75
C SER B 71 -0.71 -22.17 -20.53
N SER B 72 -0.42 -20.89 -20.78
CA SER B 72 -1.43 -19.85 -20.64
C SER B 72 -1.78 -19.24 -21.99
N SER B 73 -2.95 -18.62 -22.05
CA SER B 73 -3.49 -18.15 -23.32
C SER B 73 -4.33 -16.89 -23.15
N LEU B 74 -3.81 -15.76 -23.61
CA LEU B 74 -4.54 -14.51 -23.56
C LEU B 74 -5.53 -14.47 -24.72
N ALA B 75 -6.64 -13.77 -24.53
CA ALA B 75 -7.67 -13.73 -25.57
C ALA B 75 -8.24 -12.31 -25.78
N ILE B 76 -8.35 -11.91 -27.05
CA ILE B 76 -8.94 -10.63 -27.41
C ILE B 76 -10.19 -10.84 -28.30
N SER B 77 -11.31 -10.26 -27.89
CA SER B 77 -12.58 -10.43 -28.60
C SER B 77 -12.48 -9.97 -30.04
N GLY B 78 -12.68 -8.68 -30.24
CA GLY B 78 -12.37 -8.04 -31.49
C GLY B 78 -11.27 -7.06 -31.23
N LEU B 79 -10.16 -7.20 -31.96
CA LEU B 79 -9.02 -6.30 -31.83
C LEU B 79 -9.42 -4.86 -32.15
N GLN B 80 -8.63 -3.88 -31.70
CA GLN B 80 -8.91 -2.47 -31.96
C GLN B 80 -7.69 -1.67 -32.41
N SER B 81 -7.80 -0.34 -32.43
CA SER B 81 -6.78 0.52 -33.04
C SER B 81 -5.67 0.97 -32.10
N GLY B 82 -5.84 0.75 -30.81
CA GLY B 82 -4.83 1.15 -29.84
C GLY B 82 -3.90 0.01 -29.46
N ASP B 83 -4.29 -1.19 -29.85
CA ASP B 83 -3.60 -2.41 -29.41
C ASP B 83 -2.28 -2.69 -30.14
N GLU B 84 -1.48 -1.64 -30.32
CA GLU B 84 -0.13 -1.79 -30.85
C GLU B 84 0.83 -1.90 -29.67
N ALA B 85 1.26 -3.13 -29.36
CA ALA B 85 2.08 -3.37 -28.18
C ALA B 85 2.74 -4.76 -28.14
N ASP B 86 3.74 -4.90 -27.28
CA ASP B 86 4.34 -6.20 -26.94
C ASP B 86 3.70 -6.74 -25.67
N TYR B 87 3.47 -8.05 -25.61
CA TYR B 87 2.73 -8.65 -24.50
C TYR B 87 3.56 -9.69 -23.74
N TYR B 88 3.72 -9.47 -22.44
CA TYR B 88 4.52 -10.36 -21.59
C TYR B 88 3.66 -11.09 -20.55
N CYS B 89 4.08 -12.31 -20.21
CA CYS B 89 3.39 -13.09 -19.18
C CYS B 89 4.35 -13.40 -18.03
N THR B 90 3.84 -14.01 -16.96
CA THR B 90 4.68 -14.39 -15.83
C THR B 90 4.05 -15.47 -14.97
N VAL B 91 4.81 -16.51 -14.68
CA VAL B 91 4.38 -17.50 -13.70
C VAL B 91 4.87 -17.02 -12.34
N TRP B 92 4.02 -16.27 -11.66
CA TRP B 92 4.37 -15.82 -10.32
C TRP B 92 4.03 -16.87 -9.27
N ASP B 93 4.84 -17.94 -9.32
CA ASP B 93 4.69 -19.07 -8.40
C ASP B 93 5.54 -18.88 -7.16
N SER B 94 6.70 -19.53 -7.17
CA SER B 94 7.66 -19.44 -6.08
C SER B 94 8.59 -18.25 -6.32
N VAL B 95 9.80 -18.33 -5.77
CA VAL B 95 10.85 -17.40 -6.12
C VAL B 95 12.20 -18.13 -6.15
N PRO B 96 13.05 -17.78 -7.11
CA PRO B 96 12.75 -16.71 -8.06
C PRO B 96 11.93 -17.24 -9.23
N GLY B 97 10.99 -16.43 -9.72
CA GLY B 97 10.17 -16.84 -10.86
C GLY B 97 10.30 -15.90 -12.07
N ALA B 98 10.02 -16.46 -13.25
CA ALA B 98 10.54 -15.92 -14.50
C ALA B 98 9.53 -15.20 -15.39
N SER B 99 10.09 -14.37 -16.27
CA SER B 99 9.34 -13.70 -17.32
C SER B 99 9.52 -14.46 -18.61
N VAL B 100 9.11 -13.83 -19.70
CA VAL B 100 9.03 -14.51 -20.98
C VAL B 100 9.59 -13.63 -22.10
N PHE B 101 9.98 -14.24 -23.22
CA PHE B 101 10.64 -13.51 -24.30
C PHE B 101 9.71 -12.69 -25.21
N GLY B 102 8.44 -12.56 -24.80
CA GLY B 102 7.55 -11.52 -25.28
C GLY B 102 6.83 -11.65 -26.61
N SER B 103 5.52 -11.93 -26.55
CA SER B 103 4.68 -11.97 -27.73
C SER B 103 4.14 -10.58 -28.08
N GLY B 104 4.65 -10.01 -29.17
CA GLY B 104 4.29 -8.65 -29.55
C GLY B 104 3.48 -8.48 -30.83
N THR B 105 2.25 -7.99 -30.69
CA THR B 105 1.36 -7.84 -31.84
C THR B 105 1.42 -6.45 -32.48
N PHE B 106 0.96 -6.36 -33.72
CA PHE B 106 0.90 -5.11 -34.47
C PHE B 106 -0.35 -5.07 -35.37
N LEU B 107 -0.76 -3.87 -35.79
CA LEU B 107 -2.02 -3.68 -36.52
C LEU B 107 -1.87 -3.71 -38.03
N THR B 108 -2.21 -4.83 -38.65
CA THR B 108 -2.04 -4.99 -40.10
C THR B 108 -3.03 -4.16 -40.92
N VAL B 109 -2.59 -2.99 -41.36
CA VAL B 109 -3.38 -2.13 -42.24
C VAL B 109 -2.86 -2.25 -43.66
N THR B 110 -3.23 -3.35 -44.31
CA THR B 110 -2.72 -3.70 -45.64
C THR B 110 -1.20 -3.83 -45.64
N VAL B 111 -0.74 -5.08 -45.57
CA VAL B 111 0.70 -5.40 -45.60
C VAL B 111 1.42 -4.63 -46.71
N ALA B 112 2.57 -4.06 -46.38
CA ALA B 112 3.38 -3.38 -47.39
C ALA B 112 4.70 -4.12 -47.57
N ALA B 113 5.01 -4.49 -48.81
CA ALA B 113 6.27 -5.14 -49.13
C ALA B 113 7.41 -4.12 -48.99
N PRO B 114 8.50 -4.53 -48.33
CA PRO B 114 9.58 -3.60 -48.01
C PRO B 114 10.31 -3.10 -49.25
N SER B 115 10.80 -1.88 -49.18
CA SER B 115 11.59 -1.30 -50.26
C SER B 115 13.05 -1.57 -49.98
N VAL B 116 13.60 -2.61 -50.58
CA VAL B 116 14.94 -3.07 -50.28
C VAL B 116 16.03 -2.37 -51.10
N PHE B 117 16.93 -1.68 -50.42
CA PHE B 117 18.03 -0.98 -51.08
C PHE B 117 19.38 -1.46 -50.55
N ILE B 118 20.46 -1.09 -51.23
CA ILE B 118 21.81 -1.43 -50.79
C ILE B 118 22.77 -0.25 -50.95
N PHE B 119 23.69 -0.10 -50.00
CA PHE B 119 24.63 1.03 -49.99
C PHE B 119 26.05 0.62 -49.63
N PRO B 120 26.97 0.67 -50.59
CA PRO B 120 28.40 0.49 -50.27
C PRO B 120 28.87 1.61 -49.34
N PRO B 121 29.89 1.34 -48.51
CA PRO B 121 30.40 2.34 -47.59
C PRO B 121 31.11 3.46 -48.33
N SER B 122 30.90 4.70 -47.90
CA SER B 122 31.47 5.86 -48.58
C SER B 122 32.99 5.83 -48.61
N ASP B 123 33.57 6.55 -49.57
CA ASP B 123 35.01 6.54 -49.81
C ASP B 123 35.85 7.35 -48.81
N GLU B 124 35.18 7.97 -47.84
CA GLU B 124 35.90 8.75 -46.83
C GLU B 124 35.97 8.00 -45.50
N GLN B 125 34.90 7.29 -45.16
CA GLN B 125 34.91 6.43 -43.99
C GLN B 125 35.92 5.32 -44.20
N LEU B 126 36.02 4.86 -45.44
CA LEU B 126 36.96 3.79 -45.81
C LEU B 126 38.40 4.19 -45.54
N LYS B 127 38.76 5.44 -45.85
CA LYS B 127 40.09 5.93 -45.54
C LYS B 127 40.14 6.50 -44.12
N SER B 128 39.04 6.32 -43.39
CA SER B 128 38.97 6.72 -42.00
C SER B 128 38.94 5.49 -41.10
N GLY B 129 39.60 4.42 -41.55
CA GLY B 129 39.78 3.23 -40.74
C GLY B 129 38.67 2.20 -40.81
N THR B 130 37.43 2.65 -40.67
CA THR B 130 36.30 1.74 -40.52
C THR B 130 35.41 1.69 -41.77
N ALA B 131 34.41 0.81 -41.76
CA ALA B 131 33.50 0.67 -42.89
C ALA B 131 32.08 0.36 -42.42
N SER B 132 31.10 0.69 -43.25
CA SER B 132 29.69 0.44 -42.92
C SER B 132 28.79 0.33 -44.14
N VAL B 133 28.27 -0.87 -44.38
CA VAL B 133 27.33 -1.13 -45.46
C VAL B 133 25.90 -1.21 -44.90
N VAL B 134 25.12 -0.17 -45.12
CA VAL B 134 23.75 -0.13 -44.62
C VAL B 134 22.80 -0.75 -45.66
N CYS B 135 21.83 -1.54 -45.18
CA CYS B 135 20.86 -2.16 -46.07
C CYS B 135 19.45 -1.72 -45.67
N LEU B 136 18.98 -0.62 -46.27
CA LEU B 136 17.72 0.00 -45.88
C LEU B 136 16.47 -0.73 -46.38
N LEU B 137 15.56 -1.00 -45.46
CA LEU B 137 14.21 -1.45 -45.80
C LEU B 137 13.27 -0.28 -45.57
N ASN B 138 12.41 0.03 -46.53
CA ASN B 138 11.55 1.20 -46.40
C ASN B 138 10.07 0.91 -46.56
N ASN B 139 9.28 1.41 -45.61
CA ASN B 139 7.83 1.27 -45.62
C ASN B 139 7.35 -0.16 -45.78
N PHE B 140 7.29 -0.87 -44.66
CA PHE B 140 6.85 -2.26 -44.68
C PHE B 140 5.96 -2.57 -43.47
N TYR B 141 5.34 -3.74 -43.50
CA TYR B 141 4.53 -4.21 -42.39
C TYR B 141 4.38 -5.72 -42.43
N PRO B 142 4.48 -6.39 -41.26
CA PRO B 142 4.69 -5.81 -39.93
C PRO B 142 6.16 -5.51 -39.62
N ARG B 143 6.43 -5.08 -38.40
CA ARG B 143 7.79 -4.85 -37.92
C ARG B 143 8.59 -6.15 -38.00
N GLU B 144 7.88 -7.27 -38.09
CA GLU B 144 8.55 -8.55 -38.24
C GLU B 144 9.15 -8.71 -39.64
N ALA B 145 10.48 -8.76 -39.67
CA ALA B 145 11.21 -8.94 -40.91
C ALA B 145 12.42 -9.83 -40.64
N LYS B 146 13.06 -10.27 -41.72
CA LYS B 146 14.27 -11.07 -41.61
C LYS B 146 15.40 -10.44 -42.42
N VAL B 147 16.42 -9.93 -41.73
CA VAL B 147 17.53 -9.25 -42.39
C VAL B 147 18.86 -9.94 -42.07
N GLN B 148 19.53 -10.42 -43.13
CA GLN B 148 20.78 -11.16 -42.98
C GLN B 148 21.82 -10.72 -44.00
N TRP B 149 23.08 -11.01 -43.70
CA TRP B 149 24.16 -10.69 -44.62
C TRP B 149 24.81 -11.94 -45.21
N LYS B 150 25.23 -11.82 -46.46
CA LYS B 150 25.96 -12.90 -47.12
C LYS B 150 27.21 -12.33 -47.79
N VAL B 151 28.20 -11.94 -46.99
CA VAL B 151 29.46 -11.48 -47.53
C VAL B 151 30.12 -12.61 -48.30
N ASP B 152 30.30 -12.40 -49.60
CA ASP B 152 30.56 -13.47 -50.58
C ASP B 152 29.99 -14.86 -50.24
N ASN B 153 28.66 -14.92 -50.20
CA ASN B 153 27.90 -16.17 -50.05
C ASN B 153 28.13 -16.93 -48.73
N ALA B 154 28.67 -16.23 -47.73
CA ALA B 154 28.83 -16.80 -46.41
C ALA B 154 28.08 -15.96 -45.38
N LEU B 155 27.13 -16.59 -44.69
CA LEU B 155 26.32 -15.91 -43.68
C LEU B 155 27.19 -15.26 -42.60
N GLN B 156 26.78 -14.08 -42.16
CA GLN B 156 27.49 -13.36 -41.11
C GLN B 156 26.85 -13.61 -39.76
N SER B 157 27.52 -13.20 -38.69
CA SER B 157 27.03 -13.38 -37.33
C SER B 157 27.75 -12.49 -36.34
N GLY B 158 27.04 -11.53 -35.75
CA GLY B 158 27.60 -10.69 -34.70
C GLY B 158 28.21 -9.38 -35.17
N ASN B 159 28.55 -9.31 -36.46
CA ASN B 159 29.16 -8.11 -37.02
C ASN B 159 28.12 -7.17 -37.64
N SER B 160 26.97 -7.04 -37.00
CA SER B 160 25.88 -6.21 -37.51
C SER B 160 24.92 -5.76 -36.42
N GLN B 161 24.24 -4.64 -36.65
CA GLN B 161 23.28 -4.09 -35.69
C GLN B 161 22.05 -3.52 -36.39
N GLU B 162 20.89 -4.06 -36.06
CA GLU B 162 19.63 -3.63 -36.68
C GLU B 162 19.07 -2.39 -35.98
N SER B 163 17.94 -1.90 -36.50
CA SER B 163 17.28 -0.71 -35.96
C SER B 163 15.95 -0.52 -36.70
N VAL B 164 14.90 -0.13 -35.98
CA VAL B 164 13.57 0.02 -36.59
C VAL B 164 12.78 1.25 -36.09
N THR B 165 12.21 1.99 -37.04
CA THR B 165 11.51 3.24 -36.75
C THR B 165 10.22 3.05 -35.95
N GLU B 166 9.75 4.14 -35.34
CA GLU B 166 8.45 4.14 -34.69
C GLU B 166 7.39 4.20 -35.78
N GLN B 167 6.34 3.41 -35.61
CA GLN B 167 5.27 3.28 -36.60
C GLN B 167 4.79 4.63 -37.14
N ASP B 168 4.74 4.74 -38.46
CA ASP B 168 4.44 6.00 -39.14
C ASP B 168 3.12 6.62 -38.70
N SER B 169 3.10 7.96 -38.64
CA SER B 169 1.96 8.69 -38.13
C SER B 169 0.72 8.63 -39.02
N LYS B 170 0.92 8.34 -40.31
CA LYS B 170 -0.20 8.44 -41.27
C LYS B 170 -0.53 7.19 -42.09
N ASP B 171 0.41 6.26 -42.22
CA ASP B 171 0.20 5.10 -43.09
C ASP B 171 0.32 3.74 -42.41
N SER B 172 0.90 3.73 -41.22
CA SER B 172 1.11 2.50 -40.44
C SER B 172 2.10 1.52 -41.08
N THR B 173 3.27 2.01 -41.48
CA THR B 173 4.36 1.15 -41.95
C THR B 173 5.71 1.64 -41.40
N TYR B 174 6.68 0.73 -41.32
CA TYR B 174 7.95 1.03 -40.67
C TYR B 174 9.07 1.36 -41.65
N SER B 175 10.30 1.09 -41.21
CA SER B 175 11.52 1.28 -41.98
C SER B 175 12.68 0.71 -41.16
N LEU B 176 13.54 -0.09 -41.80
CA LEU B 176 14.59 -0.82 -41.08
C LEU B 176 16.00 -0.42 -41.53
N SER B 177 16.95 -0.45 -40.60
CA SER B 177 18.32 -0.02 -40.88
C SER B 177 19.41 -0.98 -40.42
N SER B 178 19.65 -2.02 -41.19
CA SER B 178 20.76 -2.93 -40.91
C SER B 178 22.08 -2.22 -41.18
N THR B 179 23.06 -2.42 -40.31
CA THR B 179 24.39 -1.88 -40.55
C THR B 179 25.52 -2.82 -40.13
N LEU B 180 26.10 -3.47 -41.13
CA LEU B 180 27.26 -4.33 -40.95
C LEU B 180 28.47 -3.43 -40.72
N THR B 181 29.25 -3.70 -39.68
CA THR B 181 30.44 -2.91 -39.40
C THR B 181 31.69 -3.76 -39.51
N LEU B 182 32.56 -3.40 -40.46
CA LEU B 182 33.82 -4.12 -40.66
C LEU B 182 35.01 -3.15 -40.68
N SER B 183 36.17 -3.66 -41.08
CA SER B 183 37.39 -2.85 -41.10
C SER B 183 37.88 -2.58 -42.51
N LYS B 184 38.94 -1.79 -42.63
CA LYS B 184 39.54 -1.52 -43.94
C LYS B 184 40.39 -2.70 -44.39
N ALA B 185 40.86 -3.48 -43.43
CA ALA B 185 41.73 -4.62 -43.74
C ALA B 185 40.93 -5.84 -44.21
N ASP B 186 39.61 -5.79 -44.05
CA ASP B 186 38.77 -6.93 -44.41
C ASP B 186 37.86 -6.67 -45.62
N TYR B 187 37.46 -5.43 -45.82
CA TYR B 187 36.57 -5.08 -46.92
C TYR B 187 37.30 -5.16 -48.26
N GLU B 188 38.61 -4.89 -48.25
CA GLU B 188 39.44 -4.98 -49.44
C GLU B 188 39.62 -6.43 -49.87
N LYS B 189 39.30 -7.35 -48.97
CA LYS B 189 39.40 -8.78 -49.26
C LYS B 189 38.24 -9.25 -50.13
N HIS B 190 37.01 -9.07 -49.64
CA HIS B 190 35.82 -9.54 -50.34
C HIS B 190 35.43 -8.60 -51.48
N LYS B 191 34.39 -8.98 -52.20
CA LYS B 191 33.88 -8.18 -53.31
C LYS B 191 32.37 -8.01 -53.21
N VAL B 192 31.67 -9.12 -53.04
CA VAL B 192 30.21 -9.13 -52.99
C VAL B 192 29.68 -8.94 -51.55
N TYR B 193 28.60 -8.17 -51.43
CA TYR B 193 27.97 -7.91 -50.13
C TYR B 193 26.45 -7.92 -50.23
N ALA B 194 25.86 -9.09 -49.97
CA ALA B 194 24.42 -9.29 -50.19
C ALA B 194 23.57 -9.11 -48.94
N CYS B 195 22.30 -8.76 -49.16
CA CYS B 195 21.34 -8.52 -48.09
C CYS B 195 19.99 -9.14 -48.44
N GLU B 196 19.86 -10.45 -48.21
CA GLU B 196 18.63 -11.17 -48.53
C GLU B 196 17.53 -10.82 -47.53
N VAL B 197 16.42 -10.29 -48.03
CA VAL B 197 15.35 -9.80 -47.18
C VAL B 197 14.09 -10.67 -47.28
N THR B 198 13.93 -11.56 -46.30
CA THR B 198 12.71 -12.38 -46.23
C THR B 198 11.69 -11.63 -45.40
N HIS B 199 10.46 -11.57 -45.90
CA HIS B 199 9.41 -10.82 -45.22
C HIS B 199 8.03 -11.43 -45.48
N GLN B 200 7.18 -11.41 -44.45
CA GLN B 200 5.81 -11.89 -44.55
C GLN B 200 4.93 -10.95 -45.37
N GLY B 201 5.43 -10.56 -46.54
CA GLY B 201 4.74 -9.67 -47.44
C GLY B 201 5.33 -9.80 -48.83
N LEU B 202 6.52 -10.39 -48.90
CA LEU B 202 7.15 -10.73 -50.17
C LEU B 202 6.97 -12.22 -50.42
N SER B 203 6.68 -12.57 -51.68
CA SER B 203 6.41 -13.96 -52.04
C SER B 203 7.62 -14.86 -51.81
N SER B 204 8.80 -14.26 -51.86
CA SER B 204 10.05 -15.00 -51.69
C SER B 204 11.12 -14.02 -51.23
N PRO B 205 12.11 -14.52 -50.46
CA PRO B 205 13.25 -13.73 -50.00
C PRO B 205 13.91 -12.89 -51.11
N VAL B 206 13.51 -11.63 -51.20
CA VAL B 206 14.09 -10.69 -52.16
C VAL B 206 15.53 -10.35 -51.77
N THR B 207 16.45 -10.43 -52.74
CA THR B 207 17.87 -10.24 -52.46
C THR B 207 18.54 -9.13 -53.29
N LYS B 208 19.37 -8.33 -52.63
CA LYS B 208 20.11 -7.25 -53.28
C LYS B 208 21.61 -7.39 -53.00
N SER B 209 22.44 -6.69 -53.77
CA SER B 209 23.89 -6.70 -53.57
C SER B 209 24.59 -5.65 -54.44
N PHE B 210 25.82 -5.27 -54.06
CA PHE B 210 26.63 -4.36 -54.85
C PHE B 210 28.02 -4.92 -55.12
N ASN B 211 28.69 -4.38 -56.13
CA ASN B 211 30.06 -4.77 -56.43
C ASN B 211 31.08 -3.76 -55.90
N ARG B 212 31.91 -4.21 -54.96
CA ARG B 212 32.96 -3.36 -54.41
C ARG B 212 33.89 -2.86 -55.52
N GLY B 213 33.95 -1.54 -55.68
CA GLY B 213 34.78 -0.95 -56.70
C GLY B 213 33.98 -0.49 -57.90
N GLU B 214 32.99 -1.30 -58.29
CA GLU B 214 32.18 -0.98 -59.47
C GLU B 214 31.15 0.13 -59.21
N CYS B 215 31.56 1.14 -58.47
CA CYS B 215 30.76 2.34 -58.21
C CYS B 215 29.33 2.04 -57.76
N GLU C 1 -5.51 9.24 -8.00
CA GLU C 1 -4.73 8.31 -8.80
C GLU C 1 -3.45 7.90 -8.06
N VAL C 2 -3.31 6.61 -7.82
CA VAL C 2 -2.13 6.07 -7.15
C VAL C 2 -0.92 6.20 -8.07
N GLN C 3 0.25 6.43 -7.49
CA GLN C 3 1.42 6.72 -8.31
C GLN C 3 2.76 6.20 -7.80
N LEU C 4 3.68 6.02 -8.74
CA LEU C 4 5.07 5.77 -8.42
C LEU C 4 5.84 6.72 -9.33
N VAL C 5 6.75 7.49 -8.76
CA VAL C 5 7.57 8.40 -9.56
C VAL C 5 9.05 8.12 -9.35
N GLN C 6 9.81 8.11 -10.45
CA GLN C 6 11.20 7.66 -10.39
C GLN C 6 12.21 8.70 -10.88
N SER C 7 13.37 8.71 -10.25
CA SER C 7 14.42 9.65 -10.57
C SER C 7 15.79 8.97 -10.62
N GLY C 8 16.83 9.76 -10.86
CA GLY C 8 18.18 9.24 -10.98
C GLY C 8 18.56 8.99 -12.42
N GLY C 9 17.59 9.17 -13.31
CA GLY C 9 17.74 8.95 -14.75
C GLY C 9 18.97 9.66 -15.31
N GLY C 10 20.11 8.97 -15.32
CA GLY C 10 21.36 9.59 -15.74
C GLY C 10 22.26 8.66 -16.54
N LEU C 11 23.57 8.97 -16.50
CA LEU C 11 24.60 8.16 -17.17
C LEU C 11 25.58 7.70 -16.10
N LYS C 12 26.38 6.67 -16.41
CA LYS C 12 27.32 6.14 -15.44
C LYS C 12 28.55 5.52 -16.11
N VAL C 13 29.69 5.58 -15.41
CA VAL C 13 30.90 4.92 -15.89
C VAL C 13 31.02 3.56 -15.22
N PRO C 14 31.41 2.53 -16.00
CA PRO C 14 31.50 1.15 -15.52
C PRO C 14 32.29 1.04 -14.21
N GLY C 15 31.70 0.39 -13.22
CA GLY C 15 32.35 0.26 -11.93
C GLY C 15 31.97 1.36 -10.96
N GLY C 16 30.86 2.03 -11.24
CA GLY C 16 30.31 3.02 -10.32
C GLY C 16 29.03 2.50 -9.73
N SER C 17 28.18 3.39 -9.24
CA SER C 17 26.92 2.99 -8.63
C SER C 17 25.84 4.04 -8.89
N VAL C 18 24.59 3.65 -8.69
CA VAL C 18 23.49 4.61 -8.66
C VAL C 18 22.40 4.11 -7.71
N LYS C 19 21.62 5.03 -7.17
CA LYS C 19 20.56 4.67 -6.23
C LYS C 19 19.27 5.33 -6.66
N VAL C 20 18.53 4.61 -7.51
CA VAL C 20 17.26 5.09 -8.06
C VAL C 20 16.20 5.30 -6.99
N SER C 21 15.44 6.38 -7.13
CA SER C 21 14.36 6.70 -6.20
C SER C 21 12.98 6.26 -6.72
N CYS C 22 12.02 6.13 -5.82
CA CYS C 22 10.68 5.67 -6.18
C CYS C 22 9.65 6.12 -5.14
N LYS C 23 9.24 7.38 -5.23
CA LYS C 23 8.29 7.92 -4.27
C LYS C 23 6.89 7.43 -4.59
N ALA C 24 6.38 6.56 -3.72
CA ALA C 24 5.04 5.96 -3.89
C ALA C 24 3.97 6.75 -3.14
N SER C 25 2.86 7.04 -3.82
CA SER C 25 1.83 7.89 -3.25
C SER C 25 0.41 7.32 -3.39
N SER C 26 -0.54 7.91 -2.67
CA SER C 26 -1.95 7.60 -2.82
C SER C 26 -2.37 6.21 -2.41
N TYR C 27 -1.60 5.59 -1.53
CA TYR C 27 -1.94 4.26 -1.02
C TYR C 27 -1.12 3.98 0.22
N THR C 28 -1.65 3.19 1.15
CA THR C 28 -0.89 2.86 2.34
C THR C 28 0.41 2.14 1.92
N PHE C 29 1.48 2.92 1.83
CA PHE C 29 2.78 2.43 1.38
C PHE C 29 3.21 1.12 2.05
N THR C 30 2.93 0.98 3.34
CA THR C 30 3.48 -0.12 4.11
C THR C 30 2.80 -1.46 3.88
N SER C 31 1.56 -1.43 3.40
CA SER C 31 0.77 -2.66 3.30
C SER C 31 0.79 -3.32 1.92
N TYR C 32 1.67 -2.85 1.04
CA TYR C 32 2.04 -3.60 -0.16
C TYR C 32 3.55 -3.67 -0.16
N GLY C 33 4.11 -4.63 -0.88
CA GLY C 33 5.55 -4.62 -1.11
C GLY C 33 5.92 -3.51 -2.06
N ILE C 34 7.06 -3.66 -2.72
CA ILE C 34 7.49 -2.80 -3.81
C ILE C 34 8.57 -3.57 -4.54
N SER C 35 8.49 -3.64 -5.88
CA SER C 35 9.50 -4.36 -6.65
C SER C 35 10.07 -3.59 -7.84
N TRP C 36 11.27 -4.00 -8.26
CA TRP C 36 11.97 -3.38 -9.36
C TRP C 36 12.20 -4.39 -10.48
N VAL C 37 12.26 -3.91 -11.71
CA VAL C 37 12.37 -4.76 -12.90
C VAL C 37 13.08 -3.98 -14.02
N ARG C 38 13.97 -4.66 -14.77
CA ARG C 38 14.77 -3.94 -15.78
C ARG C 38 14.62 -4.39 -17.24
N GLN C 39 14.90 -3.44 -18.15
CA GLN C 39 14.53 -3.57 -19.55
C GLN C 39 15.54 -2.89 -20.50
N ALA C 40 16.53 -3.64 -20.97
CA ALA C 40 17.49 -3.16 -21.97
C ALA C 40 16.78 -2.84 -23.29
N PRO C 41 17.45 -2.14 -24.24
CA PRO C 41 16.72 -1.78 -25.46
C PRO C 41 16.59 -2.95 -26.44
N GLY C 42 15.42 -3.08 -27.07
CA GLY C 42 15.19 -4.13 -28.04
C GLY C 42 14.75 -5.44 -27.41
N GLN C 43 15.24 -5.68 -26.20
CA GLN C 43 14.90 -6.89 -25.44
C GLN C 43 13.75 -6.63 -24.47
N GLY C 44 13.64 -7.47 -23.44
CA GLY C 44 12.47 -7.43 -22.57
C GLY C 44 12.73 -7.34 -21.07
N LEU C 45 11.76 -7.84 -20.29
CA LEU C 45 11.78 -7.72 -18.83
C LEU C 45 12.77 -8.65 -18.13
N GLU C 46 13.06 -8.31 -16.88
CA GLU C 46 14.00 -9.05 -16.04
C GLU C 46 13.82 -8.53 -14.62
N TRP C 47 13.56 -9.44 -13.68
CA TRP C 47 13.20 -9.02 -12.33
C TRP C 47 14.41 -8.82 -11.39
N MET C 48 14.42 -7.68 -10.71
CA MET C 48 15.49 -7.30 -9.80
C MET C 48 15.38 -7.97 -8.42
N GLY C 49 14.45 -7.48 -7.61
CA GLY C 49 14.26 -8.01 -6.27
C GLY C 49 12.95 -7.60 -5.62
N ASP C 50 12.71 -7.99 -4.34
CA ASP C 50 11.47 -7.69 -3.56
C ASP C 50 11.71 -6.56 -2.57
N VAL C 51 10.89 -6.39 -1.52
CA VAL C 51 11.08 -5.38 -0.48
C VAL C 51 9.89 -5.12 0.45
N ASN C 52 9.49 -6.09 1.23
CA ASN C 52 8.29 -5.86 2.02
C ASN C 52 8.38 -4.47 2.61
N THR C 53 7.44 -3.62 2.23
CA THR C 53 7.43 -2.26 2.76
C THR C 53 7.46 -2.32 4.27
N TYR C 54 6.59 -3.15 4.82
CA TYR C 54 6.39 -3.20 6.26
C TYR C 54 7.65 -3.50 7.07
N ALA C 55 8.53 -4.35 6.55
CA ALA C 55 9.63 -4.84 7.38
C ALA C 55 10.95 -5.20 6.68
N GLY C 56 11.19 -4.60 5.53
CA GLY C 56 12.51 -4.60 4.95
C GLY C 56 12.91 -5.80 4.11
N ASN C 57 12.49 -7.00 4.54
CA ASN C 57 12.94 -8.26 3.92
C ASN C 57 13.06 -8.20 2.40
N THR C 58 14.02 -8.93 1.86
CA THR C 58 14.34 -8.77 0.44
C THR C 58 14.55 -10.07 -0.33
N ASN C 59 14.56 -9.97 -1.65
CA ASN C 59 14.83 -11.12 -2.49
C ASN C 59 15.42 -10.71 -3.82
N TYR C 60 16.60 -10.09 -3.77
CA TYR C 60 17.32 -9.71 -4.97
C TYR C 60 17.68 -10.98 -5.77
N ALA C 61 17.32 -11.01 -7.05
CA ALA C 61 17.54 -12.21 -7.86
C ALA C 61 19.03 -12.59 -8.01
N GLN C 62 19.27 -13.79 -8.54
CA GLN C 62 20.63 -14.34 -8.61
C GLN C 62 21.60 -13.50 -9.40
N LYS C 63 21.21 -13.09 -10.60
CA LYS C 63 22.08 -12.32 -11.49
C LYS C 63 22.62 -11.02 -10.89
N LEU C 64 22.17 -10.66 -9.68
CA LEU C 64 22.45 -9.35 -9.12
C LEU C 64 22.83 -9.33 -7.63
N GLN C 65 22.95 -10.49 -7.01
CA GLN C 65 23.19 -10.54 -5.56
C GLN C 65 24.53 -9.94 -5.13
N GLY C 66 24.50 -9.21 -4.01
CA GLY C 66 25.69 -8.54 -3.51
C GLY C 66 26.01 -7.28 -4.28
N ARG C 67 25.27 -7.07 -5.37
CA ARG C 67 25.45 -5.89 -6.20
C ARG C 67 24.24 -4.98 -6.02
N VAL C 68 23.31 -5.41 -5.17
CA VAL C 68 22.04 -4.72 -5.03
C VAL C 68 21.64 -4.58 -3.57
N THR C 69 21.17 -3.40 -3.20
CA THR C 69 20.54 -3.17 -1.90
C THR C 69 19.25 -2.39 -2.09
N MET C 70 18.15 -2.92 -1.58
CA MET C 70 16.88 -2.22 -1.72
C MET C 70 16.34 -1.82 -0.36
N THR C 71 15.85 -0.60 -0.27
CA THR C 71 15.55 0.03 1.02
C THR C 71 14.21 0.76 1.03
N THR C 72 13.42 0.53 2.09
CA THR C 72 12.19 1.29 2.28
C THR C 72 12.51 2.61 2.97
N ASP C 73 11.53 3.49 2.99
CA ASP C 73 11.65 4.76 3.69
C ASP C 73 10.28 5.17 4.20
N THR C 74 9.76 4.39 5.15
CA THR C 74 8.39 4.54 5.63
C THR C 74 8.02 5.99 5.91
N GLY C 75 8.89 6.67 6.66
CA GLY C 75 8.63 8.03 7.13
C GLY C 75 8.22 8.95 6.00
N THR C 76 8.91 8.81 4.87
CA THR C 76 8.73 9.72 3.74
C THR C 76 8.05 9.03 2.58
N SER C 77 8.04 7.70 2.62
CA SER C 77 7.45 6.86 1.57
C SER C 77 8.23 6.86 0.26
N THR C 78 9.32 6.09 0.23
CA THR C 78 10.12 5.94 -0.98
C THR C 78 10.91 4.63 -0.94
N ALA C 79 11.10 4.02 -2.10
CA ALA C 79 11.93 2.82 -2.21
C ALA C 79 13.15 3.09 -3.07
N TYR C 80 14.27 2.43 -2.76
CA TYR C 80 15.54 2.82 -3.36
C TYR C 80 16.33 1.66 -3.95
N MET C 81 16.73 1.83 -5.21
CA MET C 81 17.49 0.81 -5.92
C MET C 81 18.98 1.09 -5.83
N GLU C 82 19.63 0.60 -4.78
CA GLU C 82 21.06 0.85 -4.60
C GLU C 82 21.88 -0.21 -5.34
N LEU C 83 22.26 0.11 -6.58
CA LEU C 83 22.93 -0.84 -7.47
C LEU C 83 24.43 -0.55 -7.59
N ARG C 84 25.25 -1.61 -7.61
CA ARG C 84 26.70 -1.47 -7.53
C ARG C 84 27.48 -2.19 -8.64
N SER C 85 28.75 -1.79 -8.78
CA SER C 85 29.72 -2.48 -9.62
C SER C 85 29.23 -2.71 -11.04
N LEU C 86 28.44 -1.77 -11.54
CA LEU C 86 27.77 -1.95 -12.82
C LEU C 86 28.73 -1.92 -13.99
N ARG C 87 28.17 -2.09 -15.19
CA ARG C 87 28.97 -2.17 -16.40
C ARG C 87 28.06 -1.97 -17.59
N SER C 88 28.58 -2.22 -18.78
CA SER C 88 27.79 -2.09 -20.01
C SER C 88 26.55 -2.98 -20.00
N ASP C 89 26.68 -4.18 -19.44
CA ASP C 89 25.56 -5.12 -19.37
C ASP C 89 24.40 -4.51 -18.62
N ASP C 90 24.72 -3.77 -17.56
CA ASP C 90 23.72 -3.27 -16.62
C ASP C 90 23.05 -1.98 -17.08
N ALA C 91 23.21 -1.65 -18.35
CA ALA C 91 22.48 -0.53 -18.91
C ALA C 91 21.07 -0.97 -19.28
N ALA C 92 20.07 -0.36 -18.64
CA ALA C 92 18.67 -0.70 -18.90
C ALA C 92 17.72 0.35 -18.33
N VAL C 93 16.44 -0.03 -18.18
CA VAL C 93 15.45 0.84 -17.57
C VAL C 93 14.98 0.20 -16.27
N TYR C 94 14.93 0.96 -15.19
CA TYR C 94 14.63 0.37 -13.90
C TYR C 94 13.32 0.86 -13.32
N TYR C 95 12.26 0.12 -13.62
CA TYR C 95 10.92 0.44 -13.13
C TYR C 95 10.77 0.02 -11.67
N CYS C 96 9.85 0.65 -10.97
CA CYS C 96 9.47 0.19 -9.64
C CYS C 96 7.98 -0.14 -9.66
N ALA C 97 7.54 -1.10 -8.85
CA ALA C 97 6.16 -1.53 -8.90
C ALA C 97 5.71 -2.22 -7.61
N ARG C 98 4.42 -2.12 -7.29
CA ARG C 98 3.88 -2.86 -6.15
C ARG C 98 3.35 -4.19 -6.64
N ASP C 99 2.41 -4.79 -5.90
CA ASP C 99 1.78 -6.06 -6.30
C ASP C 99 0.38 -6.33 -5.69
N ARG C 100 -0.52 -5.35 -5.79
CA ARG C 100 -1.86 -5.44 -5.20
C ARG C 100 -2.58 -6.69 -5.62
N GLY C 101 -3.18 -7.39 -4.66
CA GLY C 101 -4.05 -8.50 -5.00
C GLY C 101 -3.83 -9.80 -4.24
N TYR C 102 -3.66 -10.96 -4.91
CA TYR C 102 -3.75 -11.25 -6.38
C TYR C 102 -2.53 -10.87 -7.28
N TYR C 103 -1.87 -11.86 -7.90
CA TYR C 103 -0.39 -11.80 -8.04
C TYR C 103 0.43 -11.51 -9.32
N ALA C 104 0.86 -10.25 -9.47
CA ALA C 104 1.96 -9.84 -10.37
C ALA C 104 2.46 -8.46 -9.92
N PHE C 105 2.68 -7.53 -10.85
CA PHE C 105 2.91 -6.12 -10.48
C PHE C 105 1.95 -5.20 -11.22
N ASP C 106 1.17 -4.38 -10.50
CA ASP C 106 0.18 -3.55 -11.18
C ASP C 106 0.57 -2.11 -11.53
N ILE C 107 0.86 -1.30 -10.51
CA ILE C 107 1.19 0.10 -10.77
C ILE C 107 2.66 0.29 -11.09
N TRP C 108 2.96 1.18 -12.02
CA TRP C 108 4.31 1.30 -12.54
C TRP C 108 4.80 2.73 -12.65
N GLY C 109 5.85 3.05 -11.90
CA GLY C 109 6.58 4.27 -12.12
C GLY C 109 7.07 4.26 -13.55
N GLN C 110 7.22 5.44 -14.13
CA GLN C 110 7.64 5.57 -15.53
C GLN C 110 8.90 4.77 -15.89
N GLY C 111 9.64 4.34 -14.87
CA GLY C 111 10.94 3.71 -15.09
C GLY C 111 11.97 4.80 -15.28
N THR C 112 13.24 4.48 -15.07
CA THR C 112 14.26 5.51 -15.18
C THR C 112 15.33 5.21 -16.21
N MET C 113 16.07 6.25 -16.57
CA MET C 113 17.08 6.20 -17.62
C MET C 113 18.47 5.92 -17.08
N VAL C 114 18.95 4.70 -17.28
CA VAL C 114 20.24 4.29 -16.74
C VAL C 114 21.14 3.67 -17.80
N THR C 115 22.15 4.42 -18.24
CA THR C 115 23.08 3.93 -19.26
C THR C 115 24.55 4.03 -18.84
N VAL C 116 25.30 2.98 -19.16
CA VAL C 116 26.70 2.90 -18.73
C VAL C 116 27.64 2.77 -19.94
N SER C 117 28.65 3.65 -19.96
CA SER C 117 29.63 3.72 -21.04
C SER C 117 30.70 4.74 -20.64
N SER C 118 31.97 4.35 -20.74
CA SER C 118 33.06 5.22 -20.28
C SER C 118 33.60 6.12 -21.39
N ALA C 119 32.87 7.19 -21.68
CA ALA C 119 33.31 8.13 -22.70
C ALA C 119 32.97 9.56 -22.29
N SER C 120 33.89 10.48 -22.55
CA SER C 120 33.64 11.91 -22.33
C SER C 120 32.68 12.42 -23.39
N THR C 121 32.99 13.58 -23.97
CA THR C 121 32.18 14.11 -25.05
C THR C 121 32.87 13.83 -26.39
N LYS C 122 32.10 13.47 -27.40
CA LYS C 122 32.65 13.17 -28.72
C LYS C 122 31.63 13.34 -29.83
N GLY C 123 31.97 14.17 -30.82
CA GLY C 123 31.11 14.35 -31.98
C GLY C 123 31.27 13.22 -32.98
N PRO C 124 30.37 13.16 -33.97
CA PRO C 124 30.45 12.14 -35.02
C PRO C 124 31.00 12.70 -36.34
N SER C 125 31.45 11.79 -37.21
CA SER C 125 31.82 12.17 -38.56
C SER C 125 30.69 11.72 -39.49
N VAL C 126 30.27 12.60 -40.39
CA VAL C 126 29.11 12.32 -41.21
C VAL C 126 29.47 11.95 -42.65
N PHE C 127 29.49 10.65 -42.93
CA PHE C 127 29.78 10.14 -44.26
C PHE C 127 28.49 9.74 -44.96
N PRO C 128 28.25 10.26 -46.17
CA PRO C 128 26.97 10.01 -46.85
C PRO C 128 26.79 8.60 -47.43
N LEU C 129 25.55 8.27 -47.78
CA LEU C 129 25.24 7.01 -48.46
C LEU C 129 24.61 7.33 -49.82
N ALA C 130 25.43 7.24 -50.87
CA ALA C 130 25.04 7.72 -52.19
C ALA C 130 24.17 6.73 -52.97
N PRO C 131 23.17 7.25 -53.69
CA PRO C 131 22.30 6.47 -54.58
C PRO C 131 22.96 6.23 -55.93
N SER C 132 22.48 5.22 -56.66
CA SER C 132 22.99 4.93 -58.00
C SER C 132 21.99 4.08 -58.77
N SER C 133 22.39 2.85 -59.08
CA SER C 133 21.52 1.93 -59.81
C SER C 133 20.97 0.85 -58.88
N LYS C 134 21.46 0.81 -57.65
CA LYS C 134 21.11 -0.24 -56.71
C LYS C 134 20.05 0.16 -55.69
N SER C 135 19.70 1.45 -55.67
CA SER C 135 18.74 1.95 -54.69
C SER C 135 17.48 2.51 -55.34
N THR C 136 17.24 2.11 -56.59
CA THR C 136 16.07 2.59 -57.32
C THR C 136 15.04 1.49 -57.53
N SER C 137 14.09 1.40 -56.61
CA SER C 137 12.96 0.49 -56.78
C SER C 137 11.81 1.26 -57.42
N GLY C 138 11.75 1.23 -58.74
CA GLY C 138 10.76 1.99 -59.48
C GLY C 138 11.30 3.34 -59.90
N GLY C 139 10.59 4.40 -59.53
CA GLY C 139 11.01 5.75 -59.83
C GLY C 139 11.45 6.51 -58.59
N THR C 140 11.63 5.77 -57.50
CA THR C 140 12.02 6.37 -56.24
C THR C 140 13.46 5.99 -55.87
N ALA C 141 14.27 6.99 -55.54
CA ALA C 141 15.67 6.78 -55.16
C ALA C 141 15.94 7.22 -53.72
N ALA C 142 16.91 6.58 -53.08
CA ALA C 142 17.22 6.85 -51.69
C ALA C 142 18.65 7.33 -51.47
N LEU C 143 18.81 8.41 -50.71
CA LEU C 143 20.12 9.00 -50.44
C LEU C 143 20.22 9.47 -48.99
N GLY C 144 21.40 9.35 -48.38
CA GLY C 144 21.53 9.65 -46.97
C GLY C 144 22.87 10.17 -46.48
N CYS C 145 23.02 10.18 -45.16
CA CYS C 145 24.23 10.64 -44.48
C CYS C 145 24.49 9.82 -43.20
N LEU C 146 25.44 8.88 -43.28
CA LEU C 146 25.73 7.98 -42.17
C LEU C 146 26.48 8.69 -41.02
N VAL C 147 25.76 8.93 -39.93
CA VAL C 147 26.32 9.58 -38.75
C VAL C 147 26.77 8.55 -37.74
N LYS C 148 28.08 8.43 -37.52
CA LYS C 148 28.61 7.36 -36.68
C LYS C 148 29.54 7.82 -35.56
N ASP C 149 29.53 7.06 -34.47
CA ASP C 149 30.44 7.25 -33.33
C ASP C 149 30.43 8.64 -32.69
N TYR C 150 29.41 8.88 -31.88
CA TYR C 150 29.30 10.12 -31.10
C TYR C 150 28.95 9.84 -29.63
N PHE C 151 29.00 10.90 -28.83
CA PHE C 151 28.74 10.79 -27.39
C PHE C 151 28.71 12.20 -26.81
N PRO C 152 27.68 12.52 -26.01
CA PRO C 152 26.54 11.68 -25.63
C PRO C 152 25.30 11.92 -26.49
N GLU C 153 24.16 11.39 -26.04
CA GLU C 153 22.85 11.59 -26.65
C GLU C 153 22.33 12.95 -26.15
N PRO C 154 21.50 13.64 -26.94
CA PRO C 154 20.90 13.32 -28.24
C PRO C 154 21.55 13.98 -29.46
N VAL C 155 20.95 13.75 -30.62
CA VAL C 155 21.39 14.28 -31.90
C VAL C 155 20.16 14.58 -32.76
N THR C 156 20.15 15.73 -33.43
CA THR C 156 18.98 16.15 -34.23
C THR C 156 19.32 16.39 -35.71
N VAL C 157 18.63 15.68 -36.60
CA VAL C 157 18.92 15.70 -38.04
C VAL C 157 17.85 16.40 -38.88
N SER C 158 18.30 17.29 -39.77
CA SER C 158 17.42 17.92 -40.75
C SER C 158 17.98 17.75 -42.16
N TRP C 159 17.08 17.59 -43.14
CA TRP C 159 17.47 17.43 -44.54
C TRP C 159 17.38 18.72 -45.32
N ASN C 160 18.46 19.08 -46.03
CA ASN C 160 18.49 20.27 -46.88
C ASN C 160 18.06 21.55 -46.18
N SER C 161 18.54 21.74 -44.95
CA SER C 161 18.18 22.89 -44.12
C SER C 161 16.69 22.93 -43.74
N GLY C 162 16.03 21.76 -43.78
CA GLY C 162 14.70 21.63 -43.24
C GLY C 162 13.56 21.39 -44.22
N ALA C 163 13.70 21.91 -45.44
CA ALA C 163 12.61 21.89 -46.42
C ALA C 163 12.07 20.50 -46.73
N LEU C 164 12.90 19.49 -46.58
CA LEU C 164 12.53 18.12 -46.96
C LEU C 164 12.30 17.25 -45.72
N THR C 165 11.03 17.11 -45.34
CA THR C 165 10.67 16.32 -44.16
C THR C 165 9.97 15.02 -44.53
N SER C 166 9.32 15.00 -45.68
CA SER C 166 8.62 13.81 -46.14
C SER C 166 9.59 12.74 -46.60
N GLY C 167 9.36 11.51 -46.17
CA GLY C 167 10.23 10.40 -46.50
C GLY C 167 11.36 10.24 -45.52
N VAL C 168 11.56 11.28 -44.70
CA VAL C 168 12.63 11.28 -43.71
C VAL C 168 12.42 10.23 -42.65
N HIS C 169 13.38 9.32 -42.53
CA HIS C 169 13.37 8.31 -41.49
C HIS C 169 14.70 8.29 -40.74
N THR C 170 14.69 8.82 -39.51
CA THR C 170 15.88 8.85 -38.66
C THR C 170 15.77 7.77 -37.57
N PHE C 171 16.39 6.63 -37.80
CA PHE C 171 16.36 5.51 -36.87
C PHE C 171 17.00 5.90 -35.55
N PRO C 172 16.54 5.29 -34.44
CA PRO C 172 17.14 5.54 -33.13
C PRO C 172 18.61 5.11 -33.08
N ALA C 173 19.38 5.72 -32.19
CA ALA C 173 20.82 5.48 -32.09
C ALA C 173 21.16 4.08 -31.61
N VAL C 174 21.95 3.35 -32.39
CA VAL C 174 22.37 2.01 -32.00
C VAL C 174 23.78 2.02 -31.36
N LEU C 175 23.82 1.88 -30.04
CA LEU C 175 25.06 1.94 -29.27
C LEU C 175 26.05 0.84 -29.64
N GLN C 176 27.13 1.22 -30.31
CA GLN C 176 28.17 0.26 -30.67
C GLN C 176 28.80 -0.38 -29.44
N SER C 177 29.36 -1.57 -29.64
CA SER C 177 30.11 -2.25 -28.59
C SER C 177 31.34 -1.44 -28.19
N SER C 178 31.73 -0.52 -29.06
CA SER C 178 32.89 0.33 -28.85
C SER C 178 32.67 1.40 -27.79
N GLY C 179 31.42 1.61 -27.40
CA GLY C 179 31.10 2.56 -26.34
C GLY C 179 30.47 3.83 -26.85
N LEU C 180 30.19 3.89 -28.14
CA LEU C 180 29.54 5.06 -28.73
C LEU C 180 28.31 4.65 -29.53
N TYR C 181 27.49 5.63 -29.90
CA TYR C 181 26.29 5.37 -30.69
C TYR C 181 26.55 5.52 -32.18
N SER C 182 25.50 5.32 -32.98
CA SER C 182 25.58 5.42 -34.43
C SER C 182 24.17 5.42 -35.00
N LEU C 183 23.93 6.18 -36.07
CA LEU C 183 22.59 6.26 -36.65
C LEU C 183 22.58 6.28 -38.17
N SER C 184 21.38 6.35 -38.73
CA SER C 184 21.17 6.47 -40.16
C SER C 184 19.95 7.35 -40.41
N SER C 185 20.01 8.22 -41.42
CA SER C 185 18.93 9.17 -41.68
C SER C 185 18.71 9.42 -43.18
N VAL C 186 17.83 8.63 -43.80
CA VAL C 186 17.60 8.69 -45.24
C VAL C 186 16.44 9.62 -45.63
N VAL C 187 16.20 9.71 -46.93
CA VAL C 187 15.04 10.43 -47.46
C VAL C 187 14.65 9.90 -48.84
N THR C 188 13.39 9.47 -48.96
CA THR C 188 12.90 8.89 -50.21
C THR C 188 12.35 9.95 -51.16
N VAL C 189 13.03 10.11 -52.28
CA VAL C 189 12.65 11.12 -53.27
C VAL C 189 12.31 10.47 -54.60
N PRO C 190 11.49 11.15 -55.41
CA PRO C 190 11.32 10.72 -56.80
C PRO C 190 12.68 10.79 -57.48
N SER C 191 13.06 9.76 -58.21
CA SER C 191 14.39 9.69 -58.81
C SER C 191 14.54 10.58 -60.04
N SER C 192 13.90 11.75 -60.01
CA SER C 192 13.96 12.69 -61.12
C SER C 192 14.68 13.97 -60.73
N SER C 193 14.95 14.13 -59.44
CA SER C 193 15.59 15.34 -58.93
C SER C 193 17.08 15.14 -58.62
N LEU C 194 17.58 13.92 -58.83
CA LEU C 194 18.99 13.62 -58.60
C LEU C 194 19.89 14.44 -59.51
N GLY C 195 20.22 15.65 -59.05
CA GLY C 195 20.99 16.58 -59.84
C GLY C 195 20.26 17.91 -59.97
N THR C 196 18.95 17.82 -60.20
CA THR C 196 18.11 19.00 -60.25
C THR C 196 18.04 19.64 -58.87
N GLN C 197 17.71 18.83 -57.87
CA GLN C 197 17.63 19.29 -56.50
C GLN C 197 18.94 19.01 -55.78
N THR C 198 19.34 19.92 -54.90
CA THR C 198 20.56 19.73 -54.10
C THR C 198 20.24 19.04 -52.78
N TYR C 199 20.94 17.95 -52.50
CA TYR C 199 20.65 17.10 -51.33
C TYR C 199 21.76 17.06 -50.29
N ILE C 200 21.49 17.67 -49.13
CA ILE C 200 22.47 17.78 -48.05
C ILE C 200 21.79 17.48 -46.71
N CYS C 201 22.55 16.96 -45.74
CA CYS C 201 21.99 16.70 -44.41
C CYS C 201 22.64 17.56 -43.31
N ASN C 202 21.82 18.23 -42.51
CA ASN C 202 22.31 19.12 -41.47
C ASN C 202 22.18 18.52 -40.08
N VAL C 203 23.30 18.01 -39.55
CA VAL C 203 23.31 17.33 -38.27
C VAL C 203 23.56 18.30 -37.11
N ASN C 204 23.17 17.91 -35.90
CA ASN C 204 23.37 18.74 -34.72
C ASN C 204 23.69 17.95 -33.44
N HIS C 205 24.97 17.88 -33.09
CA HIS C 205 25.38 17.33 -31.81
C HIS C 205 25.67 18.47 -30.86
N LYS C 206 24.67 18.85 -30.07
CA LYS C 206 24.78 19.98 -29.15
C LYS C 206 25.90 19.84 -28.10
N PRO C 207 26.00 18.68 -27.42
CA PRO C 207 27.09 18.51 -26.43
C PRO C 207 28.51 18.75 -26.96
N SER C 208 28.72 18.68 -28.27
CA SER C 208 30.01 18.98 -28.87
C SER C 208 29.96 20.23 -29.74
N ASN C 209 28.74 20.69 -30.02
CA ASN C 209 28.51 21.86 -30.87
C ASN C 209 29.09 21.71 -32.28
N THR C 210 29.10 20.48 -32.78
CA THR C 210 29.49 20.23 -34.17
C THR C 210 28.25 20.38 -35.05
N LYS C 211 28.41 21.03 -36.20
CA LYS C 211 27.29 21.26 -37.11
C LYS C 211 27.66 20.86 -38.53
N VAL C 212 27.42 19.61 -38.89
CA VAL C 212 27.88 19.07 -40.16
C VAL C 212 26.85 19.14 -41.29
N ASP C 213 27.32 19.54 -42.47
CA ASP C 213 26.51 19.50 -43.68
C ASP C 213 27.17 18.59 -44.71
N LYS C 214 26.39 17.67 -45.26
CA LYS C 214 26.93 16.67 -46.17
C LYS C 214 26.10 16.53 -47.44
N LYS C 215 26.55 17.16 -48.52
CA LYS C 215 25.88 17.04 -49.80
C LYS C 215 25.87 15.59 -50.24
N VAL C 216 24.74 15.14 -50.77
CA VAL C 216 24.61 13.76 -51.25
C VAL C 216 24.42 13.74 -52.76
N GLU C 217 25.25 12.97 -53.46
CA GLU C 217 25.25 12.95 -54.92
C GLU C 217 25.86 11.66 -55.47
N PRO C 218 25.33 11.18 -56.61
CA PRO C 218 25.71 9.90 -57.23
C PRO C 218 27.21 9.73 -57.42
#